data_9NXL
#
_entry.id   9NXL
#
_cell.length_a   82.930
_cell.length_b   89.450
_cell.length_c   153.820
_cell.angle_alpha   90.000
_cell.angle_beta   90.000
_cell.angle_gamma   90.000
#
_symmetry.space_group_name_H-M   'P 21 21 21'
#
loop_
_entity.id
_entity.type
_entity.pdbx_description
1 polymer 'Steroid aldehyde dehydrogenase'
2 non-polymer (4S)-2-METHYL-2,4-PENTANEDIOL
3 non-polymer 2-AMINO-2-HYDROXYMETHYL-PROPANE-1,3-DIOL
4 water water
#
_entity_poly.entity_id   1
_entity_poly.type   'polypeptide(L)'
_entity_poly.pdbx_seq_one_letter_code
;MPQTSPAPLRALLDAQRAAFLEDGGVPDTLRQARLQRVIDMLVEHHDAL(CSO)AAMEQDFGGRSRVFSLMNDVLGSLAS
LKHARDQLPNWTPREPRPSVAPFDSFGATAWVQYQPKGVVGIVGTWNAPLFTLFSPLASVLAAGNRAVLKPSELTPRTAE
AVAQAVAAFFAPEELAVVTGGPDVGAEFAAQPWDHLVFTGSTAVGKRVMQAAAENLVPVTLELGGKSPVLLSPGADLRNA
AERIAVGKSSNSGQL(CAF)VAPDVVWVHESQAQAFVEALDEVWRGLFPTIAGNRDVVPVVNERHFARVESYVADAAERG
ARVLLVGGWPSAQGTAERRMPLRVVMNPPADSEIARHEIFGPALVLNTFRELPQAVAAINAGERPLALYYFGSDEAEQRW
VLEHTLSGGVSINDVCMHPALHDAPFGGIGASGMGRYHGREGFLEFSHARSVYQAGSHDPRREWGMLPPYGEQFEAMLRA
SVTR
;
_entity_poly.pdbx_strand_id   A,B
#
# COMPACT_ATOMS: atom_id res chain seq x y z
N ALA A 7 15.80 24.13 -0.52
CA ALA A 7 15.09 25.11 0.30
C ALA A 7 13.79 25.59 -0.37
N PRO A 8 13.86 26.06 -1.63
CA PRO A 8 12.59 26.48 -2.29
C PRO A 8 11.60 25.34 -2.43
N LEU A 9 12.06 24.13 -2.73
CA LEU A 9 11.11 23.02 -2.84
C LEU A 9 10.51 22.68 -1.48
N ARG A 10 11.34 22.64 -0.43
CA ARG A 10 10.80 22.40 0.90
C ARG A 10 9.84 23.53 1.32
N ALA A 11 10.13 24.77 0.94
CA ALA A 11 9.24 25.88 1.31
C ALA A 11 7.86 25.71 0.70
N LEU A 12 7.80 25.19 -0.52
CA LEU A 12 6.53 24.93 -1.18
C LEU A 12 5.77 23.81 -0.50
N LEU A 13 6.47 22.74 -0.15
CA LEU A 13 5.82 21.66 0.59
C LEU A 13 5.29 22.15 1.92
N ASP A 14 6.07 22.97 2.64
CA ASP A 14 5.64 23.50 3.92
C ASP A 14 4.41 24.41 3.80
N ALA A 15 4.33 25.20 2.72
CA ALA A 15 3.16 26.06 2.53
C ALA A 15 1.91 25.24 2.24
N GLN A 16 2.03 24.19 1.44
CA GLN A 16 0.89 23.31 1.23
C GLN A 16 0.49 22.59 2.52
N ARG A 17 1.47 22.17 3.31
CA ARG A 17 1.19 21.48 4.55
C ARG A 17 0.56 22.41 5.57
N ALA A 18 1.04 23.66 5.66
CA ALA A 18 0.40 24.61 6.57
C ALA A 18 -1.06 24.80 6.19
N ALA A 19 -1.36 24.88 4.90
CA ALA A 19 -2.74 25.11 4.49
C ALA A 19 -3.57 23.88 4.79
N PHE A 20 -3.01 22.70 4.54
CA PHE A 20 -3.74 21.48 4.82
C PHE A 20 -4.09 21.35 6.31
N LEU A 21 -3.17 21.68 7.19
CA LEU A 21 -3.44 21.54 8.63
C LEU A 21 -4.51 22.52 9.11
N GLU A 22 -4.71 23.62 8.38
CA GLU A 22 -5.85 24.50 8.63
C GLU A 22 -7.11 24.03 7.91
N ASP A 23 -6.97 23.23 6.86
CA ASP A 23 -8.13 22.72 6.13
C ASP A 23 -9.12 22.03 7.07
N GLY A 24 -8.62 21.15 7.96
CA GLY A 24 -9.51 20.23 8.63
C GLY A 24 -10.21 19.37 7.60
N GLY A 25 -11.52 19.23 7.75
CA GLY A 25 -12.28 18.42 6.81
C GLY A 25 -12.32 19.06 5.44
N VAL A 26 -12.28 18.23 4.41
CA VAL A 26 -12.28 18.72 3.03
C VAL A 26 -13.58 18.27 2.37
N PRO A 27 -14.60 19.12 2.31
CA PRO A 27 -15.91 18.66 1.83
C PRO A 27 -15.88 18.20 0.38
N ASP A 28 -16.84 17.31 0.06
CA ASP A 28 -17.00 16.80 -1.31
C ASP A 28 -16.93 17.93 -2.34
N THR A 29 -17.71 18.98 -2.10
CA THR A 29 -17.86 20.03 -3.12
C THR A 29 -16.56 20.80 -3.35
N LEU A 30 -15.70 20.90 -2.34
CA LEU A 30 -14.41 21.54 -2.51
C LEU A 30 -13.48 20.66 -3.36
N ARG A 31 -13.53 19.35 -3.14
CA ARG A 31 -12.78 18.41 -3.97
C ARG A 31 -13.27 18.46 -5.40
N GLN A 32 -14.59 18.46 -5.59
CA GLN A 32 -15.14 18.56 -6.94
C GLN A 32 -14.75 19.88 -7.63
N ALA A 33 -14.74 21.00 -6.89
CA ALA A 33 -14.34 22.28 -7.48
C ALA A 33 -12.87 22.27 -7.89
N ARG A 34 -12.01 21.68 -7.07
CA ARG A 34 -10.60 21.55 -7.46
C ARG A 34 -10.46 20.72 -8.73
N LEU A 35 -11.16 19.59 -8.80
CA LEU A 35 -11.10 18.76 -9.99
C LEU A 35 -11.64 19.52 -11.22
N GLN A 36 -12.72 20.28 -11.02
CA GLN A 36 -13.29 21.04 -12.12
C GLN A 36 -12.30 22.10 -12.61
N ARG A 37 -11.55 22.68 -11.68
CA ARG A 37 -10.55 23.68 -12.05
C ARG A 37 -9.46 23.06 -12.91
N VAL A 38 -9.04 21.84 -12.59
CA VAL A 38 -8.02 21.15 -13.39
C VAL A 38 -8.58 20.86 -14.77
N ILE A 39 -9.83 20.41 -14.84
CA ILE A 39 -10.51 20.18 -16.11
C ILE A 39 -10.56 21.47 -16.92
N ASP A 40 -11.04 22.55 -16.31
CA ASP A 40 -11.14 23.84 -17.02
C ASP A 40 -9.79 24.29 -17.55
N MET A 41 -8.73 24.08 -16.76
CA MET A 41 -7.38 24.46 -17.19
C MET A 41 -6.97 23.72 -18.46
N LEU A 42 -7.17 22.40 -18.48
CA LEU A 42 -6.81 21.60 -19.64
C LEU A 42 -7.64 21.95 -20.84
N VAL A 43 -8.95 22.15 -20.66
CA VAL A 43 -9.80 22.59 -21.78
C VAL A 43 -9.26 23.90 -22.37
N GLU A 44 -8.88 24.82 -21.51
CA GLU A 44 -8.42 26.13 -22.00
C GLU A 44 -7.08 26.02 -22.73
N HIS A 45 -6.21 25.12 -22.29
CA HIS A 45 -4.82 25.10 -22.74
C HIS A 45 -4.46 23.93 -23.64
N HIS A 46 -5.43 23.13 -24.10
CA HIS A 46 -5.03 21.89 -24.74
C HIS A 46 -4.30 22.11 -26.06
N ASP A 47 -4.62 23.16 -26.82
CA ASP A 47 -3.90 23.37 -28.07
C ASP A 47 -2.41 23.60 -27.79
N ALA A 48 -2.11 24.47 -26.83
CA ALA A 48 -0.71 24.73 -26.49
C ALA A 48 -0.03 23.45 -25.99
N LEU A 49 -0.76 22.66 -25.23
CA LEU A 49 -0.19 21.41 -24.66
C LEU A 49 0.11 20.38 -25.74
N ALA A 51 0.77 21.03 -28.93
CA ALA A 51 1.87 21.53 -29.69
C ALA A 51 3.18 21.26 -28.96
N ALA A 52 3.21 21.53 -27.65
CA ALA A 52 4.43 21.24 -26.86
C ALA A 52 4.81 19.74 -26.94
N MET A 53 3.84 18.86 -26.78
CA MET A 53 4.15 17.42 -26.85
C MET A 53 4.68 17.05 -28.22
N GLU A 54 4.13 17.63 -29.26
CA GLU A 54 4.62 17.34 -30.61
C GLU A 54 6.08 17.70 -30.72
N GLN A 55 6.42 18.93 -30.33
CA GLN A 55 7.80 19.40 -30.50
C GLN A 55 8.80 18.63 -29.62
N ASP A 56 8.39 18.27 -28.41
CA ASP A 56 9.27 17.55 -27.49
C ASP A 56 9.73 16.22 -28.06
N PHE A 57 8.85 15.51 -28.80
CA PHE A 57 9.18 14.25 -29.45
C PHE A 57 9.83 14.42 -30.81
N GLY A 58 9.88 15.62 -31.35
CA GLY A 58 10.32 15.78 -32.72
C GLY A 58 9.31 15.31 -33.76
N GLY A 59 8.03 15.38 -33.46
CA GLY A 59 6.99 15.10 -34.41
C GLY A 59 5.91 14.16 -33.90
N ARG A 60 5.57 14.17 -32.59
CA ARG A 60 4.49 13.30 -32.10
C ARG A 60 3.12 13.85 -32.51
N SER A 61 2.32 13.04 -33.18
CA SER A 61 1.02 13.45 -33.71
C SER A 61 0.14 14.10 -32.65
N ARG A 62 -0.42 15.25 -33.00
CA ARG A 62 -1.35 15.91 -32.08
C ARG A 62 -2.65 15.10 -31.91
N VAL A 63 -3.02 14.29 -32.89
CA VAL A 63 -4.18 13.43 -32.74
C VAL A 63 -3.94 12.40 -31.64
N PHE A 64 -2.75 11.81 -31.62
CA PHE A 64 -2.48 10.83 -30.59
C PHE A 64 -2.38 11.50 -29.23
N SER A 65 -1.70 12.66 -29.15
CA SER A 65 -1.61 13.37 -27.89
C SER A 65 -2.99 13.74 -27.38
N LEU A 66 -3.89 14.18 -28.28
CA LEU A 66 -5.22 14.59 -27.84
C LEU A 66 -5.97 13.42 -27.23
N MET A 67 -5.89 12.25 -27.86
CA MET A 67 -6.54 11.07 -27.31
C MET A 67 -5.88 10.66 -26.01
N ASN A 68 -4.58 10.42 -26.05
CA ASN A 68 -3.92 9.69 -24.97
C ASN A 68 -3.74 10.58 -23.76
N ASP A 69 -3.26 11.80 -23.97
CA ASP A 69 -2.87 12.65 -22.86
C ASP A 69 -3.93 13.66 -22.49
N VAL A 70 -4.53 14.32 -23.46
CA VAL A 70 -5.53 15.31 -23.09
C VAL A 70 -6.84 14.63 -22.70
N LEU A 71 -7.44 13.86 -23.61
CA LEU A 71 -8.74 13.29 -23.29
C LEU A 71 -8.60 12.19 -22.24
N GLY A 72 -7.49 11.46 -22.26
CA GLY A 72 -7.29 10.48 -21.21
C GLY A 72 -7.28 11.11 -19.82
N SER A 73 -6.59 12.22 -19.67
CA SER A 73 -6.54 12.93 -18.38
C SER A 73 -7.92 13.48 -18.02
N LEU A 74 -8.59 14.13 -18.98
CA LEU A 74 -9.90 14.71 -18.71
C LEU A 74 -10.87 13.63 -18.24
N ALA A 75 -10.78 12.43 -18.85
CA ALA A 75 -11.72 11.36 -18.47
C ALA A 75 -11.49 10.92 -17.02
N SER A 76 -10.23 10.80 -16.60
CA SER A 76 -9.92 10.45 -15.21
C SER A 76 -10.44 11.49 -14.26
N LEU A 77 -10.20 12.76 -14.59
CA LEU A 77 -10.60 13.85 -13.71
C LEU A 77 -12.12 13.93 -13.58
N LYS A 78 -12.84 13.77 -14.70
CA LYS A 78 -14.30 13.83 -14.65
C LYS A 78 -14.88 12.66 -13.85
N HIS A 79 -14.31 11.46 -14.01
CA HIS A 79 -14.83 10.31 -13.29
C HIS A 79 -14.67 10.52 -11.79
N ALA A 80 -13.50 11.01 -11.37
CA ALA A 80 -13.29 11.30 -9.95
C ALA A 80 -14.23 12.38 -9.45
N ARG A 81 -14.39 13.46 -10.23
CA ARG A 81 -15.34 14.50 -9.86
C ARG A 81 -16.74 13.94 -9.62
N ASP A 82 -17.21 13.14 -10.57
CA ASP A 82 -18.61 12.69 -10.50
C ASP A 82 -18.80 11.57 -9.49
N GLN A 83 -17.79 10.73 -9.27
CA GLN A 83 -17.98 9.56 -8.42
C GLN A 83 -17.59 9.74 -6.95
N LEU A 84 -16.82 10.75 -6.60
CA LEU A 84 -16.26 10.76 -5.23
C LEU A 84 -17.28 10.87 -4.10
N PRO A 85 -18.51 11.36 -4.33
CA PRO A 85 -19.51 11.31 -3.25
C PRO A 85 -19.85 9.91 -2.80
N ASN A 86 -19.67 8.91 -3.65
CA ASN A 86 -19.88 7.52 -3.29
C ASN A 86 -18.73 6.96 -2.46
N TRP A 87 -17.60 7.65 -2.42
CA TRP A 87 -16.39 7.13 -1.78
C TRP A 87 -16.10 7.73 -0.41
N THR A 88 -16.53 8.96 -0.16
CA THR A 88 -16.19 9.65 1.06
C THR A 88 -16.96 9.24 2.32
N PRO A 89 -18.19 8.74 2.23
CA PRO A 89 -18.93 8.41 3.47
C PRO A 89 -18.20 7.41 4.35
N ARG A 90 -18.38 7.56 5.65
CA ARG A 90 -17.80 6.53 6.53
C ARG A 90 -18.57 5.21 6.41
N GLU A 91 -17.92 4.14 6.82
CA GLU A 91 -18.46 2.80 6.68
C GLU A 91 -18.57 2.17 8.06
N PRO A 92 -19.77 2.04 8.60
CA PRO A 92 -19.95 1.32 9.86
C PRO A 92 -19.44 -0.10 9.74
N ARG A 93 -18.91 -0.63 10.84
CA ARG A 93 -18.36 -1.98 10.90
C ARG A 93 -18.82 -2.61 12.20
N PRO A 94 -18.92 -3.95 12.25
CA PRO A 94 -19.14 -4.62 13.54
C PRO A 94 -18.07 -4.19 14.52
N SER A 95 -18.45 -4.11 15.78
CA SER A 95 -17.50 -3.64 16.78
C SER A 95 -16.99 -4.86 17.58
N VAL A 96 -16.41 -4.65 18.74
CA VAL A 96 -15.66 -5.71 19.43
C VAL A 96 -16.62 -6.47 20.33
N ALA A 97 -16.80 -7.75 20.06
CA ALA A 97 -17.68 -8.52 20.91
C ALA A 97 -16.93 -8.92 22.18
N PRO A 98 -17.61 -8.98 23.33
CA PRO A 98 -19.04 -8.81 23.58
C PRO A 98 -19.42 -7.36 23.91
N PHE A 99 -18.50 -6.40 23.78
CA PHE A 99 -18.78 -5.01 24.14
C PHE A 99 -19.81 -4.36 23.23
N ASP A 100 -19.94 -4.84 22.01
CA ASP A 100 -21.01 -4.36 21.15
C ASP A 100 -22.38 -4.72 21.71
N SER A 101 -22.46 -5.77 22.54
CA SER A 101 -23.74 -6.07 23.20
C SER A 101 -24.08 -5.06 24.29
N PHE A 102 -23.14 -4.17 24.62
CA PHE A 102 -23.35 -3.13 25.62
C PHE A 102 -23.29 -1.74 25.00
N GLY A 103 -23.36 -1.65 23.68
CA GLY A 103 -23.44 -0.37 23.01
C GLY A 103 -22.18 0.06 22.23
N ALA A 104 -21.10 -0.68 22.28
CA ALA A 104 -19.92 -0.29 21.52
C ALA A 104 -20.20 -0.37 20.04
N THR A 105 -19.68 0.58 19.28
CA THR A 105 -19.87 0.61 17.84
C THR A 105 -18.52 0.86 17.20
N ALA A 106 -18.48 0.87 15.86
CA ALA A 106 -17.22 1.04 15.14
C ALA A 106 -17.53 1.51 13.73
N TRP A 107 -16.50 2.11 13.10
CA TRP A 107 -16.61 2.46 11.69
C TRP A 107 -15.21 2.73 11.17
N VAL A 108 -15.10 2.77 9.84
CA VAL A 108 -13.90 3.26 9.16
C VAL A 108 -14.25 4.61 8.52
N GLN A 109 -13.40 5.58 8.73
CA GLN A 109 -13.54 6.86 8.03
C GLN A 109 -12.29 7.15 7.22
N TYR A 110 -12.49 7.76 6.06
CA TYR A 110 -11.39 8.04 5.14
C TYR A 110 -11.02 9.51 5.25
N GLN A 111 -9.72 9.79 5.37
CA GLN A 111 -9.27 11.18 5.44
C GLN A 111 -8.05 11.33 4.56
N PRO A 112 -7.84 12.51 3.99
CA PRO A 112 -6.67 12.72 3.13
C PRO A 112 -5.39 12.59 3.94
N LYS A 113 -4.35 12.14 3.27
CA LYS A 113 -3.04 12.03 3.91
C LYS A 113 -2.34 13.37 4.03
N GLY A 114 -2.59 14.30 3.10
CA GLY A 114 -2.02 15.62 3.20
C GLY A 114 -1.45 16.11 1.88
N VAL A 115 -0.12 16.19 1.77
CA VAL A 115 0.57 16.76 0.61
C VAL A 115 1.22 15.63 -0.17
N VAL A 116 0.79 15.45 -1.44
CA VAL A 116 1.23 14.36 -2.28
C VAL A 116 2.10 14.93 -3.41
N GLY A 117 3.25 14.30 -3.62
CA GLY A 117 4.11 14.60 -4.76
C GLY A 117 3.84 13.61 -5.87
N ILE A 118 3.82 14.10 -7.11
CA ILE A 118 3.55 13.25 -8.26
C ILE A 118 4.65 13.50 -9.28
N VAL A 119 5.45 12.47 -9.57
CA VAL A 119 6.53 12.51 -10.56
C VAL A 119 6.03 11.83 -11.82
N GLY A 120 5.92 12.62 -12.90
CA GLY A 120 5.44 12.06 -14.15
C GLY A 120 6.60 11.55 -15.01
N THR A 121 6.24 10.92 -16.13
CA THR A 121 7.24 10.48 -17.10
C THR A 121 6.95 11.14 -18.44
N TRP A 122 7.79 10.81 -19.44
CA TRP A 122 7.78 11.53 -20.72
C TRP A 122 6.90 10.88 -21.79
N ASN A 123 6.56 9.58 -21.64
CA ASN A 123 5.93 8.89 -22.75
C ASN A 123 4.48 9.33 -22.88
N ALA A 124 3.88 9.70 -21.75
CA ALA A 124 2.53 10.26 -21.69
C ALA A 124 2.61 11.36 -20.63
N PRO A 125 3.12 12.52 -21.01
CA PRO A 125 3.57 13.48 -20.00
C PRO A 125 2.45 14.22 -19.32
N LEU A 126 1.23 14.22 -19.86
CA LEU A 126 0.10 14.75 -19.08
C LEU A 126 -0.60 13.64 -18.29
N PHE A 127 -0.84 12.51 -18.93
CA PHE A 127 -1.60 11.45 -18.28
C PHE A 127 -0.93 11.00 -17.00
N THR A 128 0.40 10.85 -17.01
CA THR A 128 1.09 10.33 -15.83
C THR A 128 1.21 11.37 -14.71
N LEU A 129 0.77 12.60 -14.96
CA LEU A 129 0.56 13.60 -13.90
C LEU A 129 -0.90 13.68 -13.51
N PHE A 130 -1.80 13.91 -14.50
CA PHE A 130 -3.18 14.28 -14.19
C PHE A 130 -4.06 13.09 -13.93
N SER A 131 -3.73 11.90 -14.40
CA SER A 131 -4.59 10.78 -14.04
C SER A 131 -4.36 10.39 -12.58
N PRO A 132 -3.15 10.28 -12.07
CA PRO A 132 -2.99 10.08 -10.62
C PRO A 132 -3.51 11.25 -9.82
N LEU A 133 -3.42 12.50 -10.35
CA LEU A 133 -3.93 13.65 -9.61
C LEU A 133 -5.41 13.55 -9.37
N ALA A 134 -6.15 12.99 -10.33
CA ALA A 134 -7.59 12.85 -10.14
C ALA A 134 -7.91 12.06 -8.88
N SER A 135 -7.18 10.94 -8.65
CA SER A 135 -7.39 10.16 -7.44
C SER A 135 -6.88 10.93 -6.20
N VAL A 136 -5.74 11.60 -6.35
CA VAL A 136 -5.16 12.36 -5.24
C VAL A 136 -6.11 13.44 -4.79
N LEU A 137 -6.67 14.21 -5.74
CA LEU A 137 -7.59 15.27 -5.31
C LEU A 137 -8.93 14.70 -4.81
N ALA A 138 -9.41 13.60 -5.40
CA ALA A 138 -10.67 13.03 -4.94
C ALA A 138 -10.55 12.65 -3.44
N ALA A 139 -9.35 12.28 -3.01
CA ALA A 139 -9.15 11.87 -1.62
C ALA A 139 -8.94 13.05 -0.70
N GLY A 140 -8.94 14.27 -1.23
CA GLY A 140 -8.86 15.48 -0.43
C GLY A 140 -7.49 16.06 -0.19
N ASN A 141 -6.45 15.59 -0.92
CA ASN A 141 -5.09 16.08 -0.72
C ASN A 141 -4.77 17.34 -1.50
N ARG A 142 -3.66 17.98 -1.15
CA ARG A 142 -2.99 18.98 -1.96
C ARG A 142 -1.82 18.29 -2.68
N ALA A 143 -1.37 18.87 -3.80
CA ALA A 143 -0.36 18.17 -4.58
C ALA A 143 0.64 19.10 -5.23
N VAL A 144 1.81 18.52 -5.50
CA VAL A 144 2.89 19.14 -6.29
C VAL A 144 3.29 18.18 -7.41
N LEU A 145 3.36 18.69 -8.65
CA LEU A 145 3.63 17.91 -9.84
C LEU A 145 5.06 18.14 -10.28
N LYS A 146 5.73 17.07 -10.74
CA LYS A 146 7.07 17.20 -11.31
C LYS A 146 7.03 16.56 -12.68
N PRO A 147 6.78 17.34 -13.72
CA PRO A 147 6.77 16.80 -15.09
C PRO A 147 8.17 16.38 -15.51
N SER A 148 8.20 15.48 -16.50
CA SER A 148 9.46 14.95 -16.98
C SER A 148 10.25 16.01 -17.73
N GLU A 149 11.56 16.06 -17.42
CA GLU A 149 12.46 16.92 -18.18
C GLU A 149 12.73 16.44 -19.60
N LEU A 150 12.35 15.21 -19.96
CA LEU A 150 12.53 14.79 -21.35
C LEU A 150 11.44 15.38 -22.27
N THR A 151 10.41 16.00 -21.71
CA THR A 151 9.38 16.76 -22.42
C THR A 151 9.37 18.16 -21.82
N PRO A 152 10.44 18.91 -22.03
CA PRO A 152 10.56 20.18 -21.30
C PRO A 152 9.60 21.25 -21.81
N ARG A 153 9.24 21.25 -23.10
CA ARG A 153 8.21 22.21 -23.54
C ARG A 153 6.89 21.93 -22.82
N THR A 154 6.53 20.64 -22.75
CA THR A 154 5.31 20.27 -22.05
C THR A 154 5.41 20.61 -20.58
N ALA A 155 6.58 20.35 -19.97
CA ALA A 155 6.75 20.66 -18.55
C ALA A 155 6.46 22.14 -18.31
N GLU A 156 6.99 22.99 -19.17
CA GLU A 156 6.84 24.44 -18.99
C GLU A 156 5.40 24.88 -19.27
N ALA A 157 4.75 24.28 -20.26
CA ALA A 157 3.35 24.63 -20.54
C ALA A 157 2.45 24.21 -19.38
N VAL A 158 2.73 23.04 -18.77
CA VAL A 158 1.98 22.62 -17.56
C VAL A 158 2.22 23.59 -16.41
N ALA A 159 3.46 24.03 -16.23
CA ALA A 159 3.77 24.95 -15.15
C ALA A 159 3.03 26.28 -15.35
N GLN A 160 3.05 26.82 -16.56
CA GLN A 160 2.36 28.08 -16.80
C GLN A 160 0.84 27.92 -16.60
N ALA A 161 0.29 26.82 -17.07
CA ALA A 161 -1.15 26.59 -16.96
C ALA A 161 -1.59 26.45 -15.50
N VAL A 162 -0.84 25.72 -14.67
CA VAL A 162 -1.25 25.58 -13.27
C VAL A 162 -1.06 26.90 -12.52
N ALA A 163 -0.01 27.65 -12.84
CA ALA A 163 0.20 28.93 -12.19
C ALA A 163 -0.92 29.89 -12.55
N ALA A 164 -1.49 29.75 -13.75
CA ALA A 164 -2.61 30.63 -14.13
C ALA A 164 -3.92 30.24 -13.44
N PHE A 165 -4.12 28.97 -13.09
CA PHE A 165 -5.41 28.52 -12.56
C PHE A 165 -5.43 28.27 -11.06
N PHE A 166 -4.29 28.05 -10.42
CA PHE A 166 -4.23 27.60 -9.03
C PHE A 166 -3.27 28.43 -8.22
N ALA A 167 -3.66 28.71 -6.97
CA ALA A 167 -2.71 29.12 -5.95
C ALA A 167 -1.72 27.99 -5.63
N PRO A 168 -0.47 28.33 -5.34
CA PRO A 168 0.53 27.28 -5.13
C PRO A 168 0.28 26.46 -3.89
N GLU A 169 -0.50 26.94 -2.93
CA GLU A 169 -0.81 26.15 -1.74
C GLU A 169 -1.76 24.99 -2.04
N GLU A 170 -2.46 25.01 -3.17
CA GLU A 170 -3.43 24.00 -3.54
C GLU A 170 -2.88 23.01 -4.56
N LEU A 171 -2.22 23.51 -5.60
CA LEU A 171 -1.63 22.67 -6.63
C LEU A 171 -0.48 23.46 -7.24
N ALA A 172 0.70 22.83 -7.34
CA ALA A 172 1.90 23.54 -7.82
C ALA A 172 2.68 22.60 -8.71
N VAL A 173 3.59 23.22 -9.48
CA VAL A 173 4.41 22.49 -10.47
C VAL A 173 5.88 22.87 -10.22
N VAL A 174 6.76 21.88 -10.20
CA VAL A 174 8.20 22.05 -10.08
C VAL A 174 8.83 21.53 -11.36
N THR A 175 9.54 22.38 -12.08
CA THR A 175 10.21 21.91 -13.30
C THR A 175 11.72 21.98 -13.11
N GLY A 176 12.42 21.12 -13.83
CA GLY A 176 13.87 21.10 -13.82
C GLY A 176 14.36 19.73 -14.26
N GLY A 177 15.67 19.60 -14.27
CA GLY A 177 16.30 18.38 -14.72
C GLY A 177 16.19 17.27 -13.71
N PRO A 178 16.92 16.17 -13.95
CA PRO A 178 16.89 15.07 -12.99
C PRO A 178 17.46 15.42 -11.63
N ASP A 179 18.34 16.42 -11.56
CA ASP A 179 18.77 16.94 -10.27
C ASP A 179 17.59 17.45 -9.46
N VAL A 180 16.68 18.20 -10.09
CA VAL A 180 15.46 18.63 -9.39
C VAL A 180 14.58 17.44 -9.00
N GLY A 181 14.42 16.48 -9.91
CA GLY A 181 13.64 15.30 -9.58
C GLY A 181 14.16 14.58 -8.34
N ALA A 182 15.49 14.43 -8.26
CA ALA A 182 16.08 13.75 -7.12
C ALA A 182 15.78 14.50 -5.83
N GLU A 183 15.95 15.81 -5.82
CA GLU A 183 15.57 16.59 -4.65
C GLU A 183 14.08 16.42 -4.36
N PHE A 184 13.26 16.37 -5.41
CA PHE A 184 11.82 16.17 -5.25
C PHE A 184 11.55 14.87 -4.48
N ALA A 185 12.22 13.79 -4.85
CA ALA A 185 11.93 12.48 -4.26
C ALA A 185 12.35 12.38 -2.82
N ALA A 186 13.26 13.23 -2.38
CA ALA A 186 13.76 13.21 -1.02
C ALA A 186 12.93 14.05 -0.06
N GLN A 187 11.89 14.72 -0.53
CA GLN A 187 11.10 15.55 0.39
C GLN A 187 10.15 14.69 1.25
N PRO A 188 9.85 15.13 2.45
CA PRO A 188 8.91 14.39 3.32
C PRO A 188 7.44 14.60 2.96
N TRP A 189 7.05 14.10 1.79
CA TRP A 189 5.67 14.10 1.37
C TRP A 189 4.85 13.23 2.33
N ASP A 190 3.53 13.40 2.29
CA ASP A 190 2.64 12.41 2.90
C ASP A 190 2.42 11.19 2.03
N HIS A 191 2.71 11.28 0.73
CA HIS A 191 2.62 10.16 -0.19
C HIS A 191 3.34 10.61 -1.45
N LEU A 192 4.05 9.69 -2.09
CA LEU A 192 4.77 10.00 -3.33
C LEU A 192 4.36 9.04 -4.41
N VAL A 193 4.00 9.58 -5.57
CA VAL A 193 3.65 8.81 -6.75
C VAL A 193 4.79 8.93 -7.77
N PHE A 194 5.26 7.82 -8.31
CA PHE A 194 6.31 7.87 -9.31
C PHE A 194 5.98 6.90 -10.43
N THR A 195 6.06 7.35 -11.68
CA THR A 195 6.02 6.49 -12.84
C THR A 195 7.36 6.58 -13.53
N GLY A 196 7.93 5.42 -13.86
CA GLY A 196 9.20 5.41 -14.55
C GLY A 196 9.79 4.01 -14.59
N SER A 197 11.11 3.96 -14.73
CA SER A 197 11.74 2.64 -14.87
C SER A 197 11.83 1.90 -13.53
N THR A 198 11.91 0.57 -13.61
CA THR A 198 12.09 -0.27 -12.41
C THR A 198 13.38 0.12 -11.66
N ALA A 199 14.48 0.36 -12.37
CA ALA A 199 15.75 0.67 -11.71
C ALA A 199 15.67 2.01 -10.97
N VAL A 200 15.01 3.00 -11.58
CA VAL A 200 14.88 4.28 -10.88
C VAL A 200 13.87 4.15 -9.73
N GLY A 201 12.83 3.34 -9.92
CA GLY A 201 11.86 3.13 -8.85
C GLY A 201 12.48 2.64 -7.57
N LYS A 202 13.48 1.77 -7.69
CA LYS A 202 14.18 1.31 -6.50
C LYS A 202 14.83 2.47 -5.77
N ARG A 203 15.45 3.38 -6.51
CA ARG A 203 16.08 4.54 -5.86
C ARG A 203 15.04 5.49 -5.27
N VAL A 204 13.89 5.64 -5.93
CA VAL A 204 12.80 6.42 -5.33
C VAL A 204 12.39 5.84 -4.01
N MET A 205 12.23 4.51 -3.96
CA MET A 205 11.79 3.91 -2.71
C MET A 205 12.84 4.05 -1.62
N GLN A 206 14.13 3.94 -1.99
CA GLN A 206 15.19 4.18 -1.01
C GLN A 206 15.14 5.60 -0.46
N ALA A 207 14.93 6.59 -1.35
CA ALA A 207 14.83 7.98 -0.92
C ALA A 207 13.60 8.16 -0.03
N ALA A 208 12.45 7.59 -0.44
CA ALA A 208 11.26 7.71 0.40
C ALA A 208 11.46 7.08 1.79
N ALA A 209 12.25 6.03 1.87
CA ALA A 209 12.42 5.32 3.14
C ALA A 209 13.00 6.24 4.20
N GLU A 210 13.76 7.25 3.79
CA GLU A 210 14.43 8.12 4.75
C GLU A 210 13.43 8.87 5.58
N ASN A 211 12.25 9.17 5.02
CA ASN A 211 11.20 9.82 5.77
C ASN A 211 9.95 8.95 5.93
N LEU A 212 10.06 7.64 5.74
CA LEU A 212 8.89 6.77 5.79
C LEU A 212 7.72 7.29 4.95
N VAL A 213 8.04 7.69 3.73
CA VAL A 213 7.03 8.18 2.79
C VAL A 213 6.44 6.97 2.05
N PRO A 214 5.13 6.76 2.13
CA PRO A 214 4.51 5.69 1.34
C PRO A 214 4.52 6.06 -0.13
N VAL A 215 4.68 5.04 -0.97
CA VAL A 215 4.92 5.23 -2.39
C VAL A 215 3.94 4.45 -3.25
N THR A 216 3.54 5.07 -4.38
CA THR A 216 2.87 4.41 -5.49
C THR A 216 3.92 4.38 -6.59
N LEU A 217 4.40 3.21 -6.95
CA LEU A 217 5.47 3.07 -7.92
C LEU A 217 4.88 2.35 -9.12
N GLU A 218 4.81 3.04 -10.27
CA GLU A 218 4.35 2.45 -11.51
C GLU A 218 5.56 2.24 -12.40
N LEU A 219 5.96 1.00 -12.56
CA LEU A 219 7.29 0.73 -13.07
C LEU A 219 7.17 -0.09 -14.36
N GLY A 220 8.12 -0.95 -14.64
CA GLY A 220 8.23 -1.57 -15.95
C GLY A 220 8.44 -3.07 -15.95
N GLY A 221 8.84 -3.59 -17.09
CA GLY A 221 8.89 -5.01 -17.32
C GLY A 221 8.73 -5.28 -18.82
N LYS A 222 8.61 -6.55 -19.15
CA LYS A 222 8.38 -7.01 -20.52
C LYS A 222 7.02 -7.69 -20.58
N SER A 223 6.02 -6.94 -21.00
CA SER A 223 4.63 -7.44 -20.99
C SER A 223 4.45 -8.50 -22.05
N PRO A 224 4.06 -9.73 -21.69
CA PRO A 224 3.91 -10.78 -22.70
C PRO A 224 2.49 -10.89 -23.23
N VAL A 225 2.40 -11.36 -24.49
CA VAL A 225 1.13 -11.75 -25.11
C VAL A 225 1.16 -13.25 -25.31
N LEU A 226 0.14 -13.97 -24.84
CA LEU A 226 0.00 -15.39 -25.12
C LEU A 226 -1.06 -15.60 -26.21
N LEU A 227 -0.65 -16.16 -27.33
CA LEU A 227 -1.55 -16.48 -28.43
C LEU A 227 -1.98 -17.94 -28.31
N SER A 228 -3.23 -18.16 -27.89
CA SER A 228 -3.79 -19.49 -27.89
C SER A 228 -3.52 -20.17 -29.24
N PRO A 229 -3.10 -21.42 -29.26
CA PRO A 229 -3.04 -22.13 -30.55
C PRO A 229 -4.38 -22.14 -31.27
N GLY A 230 -5.49 -21.82 -30.60
CA GLY A 230 -6.80 -21.73 -31.24
C GLY A 230 -7.29 -20.31 -31.54
N ALA A 231 -6.48 -19.29 -31.30
CA ALA A 231 -6.92 -17.92 -31.49
C ALA A 231 -7.07 -17.59 -32.99
N ASP A 232 -7.93 -16.62 -33.27
CA ASP A 232 -8.03 -16.00 -34.59
C ASP A 232 -6.78 -15.16 -34.78
N LEU A 233 -5.83 -15.68 -35.55
CA LEU A 233 -4.53 -15.03 -35.71
C LEU A 233 -4.65 -13.69 -36.43
N ARG A 234 -5.50 -13.59 -37.45
CA ARG A 234 -5.62 -12.33 -38.16
C ARG A 234 -6.18 -11.24 -37.25
N ASN A 235 -7.17 -11.58 -36.43
CA ASN A 235 -7.71 -10.60 -35.48
C ASN A 235 -6.66 -10.24 -34.42
N ALA A 236 -5.89 -11.22 -33.97
CA ALA A 236 -4.89 -10.93 -32.96
C ALA A 236 -3.84 -10.00 -33.54
N ALA A 237 -3.43 -10.25 -34.79
CA ALA A 237 -2.41 -9.40 -35.42
C ALA A 237 -2.89 -7.98 -35.57
N GLU A 238 -4.16 -7.79 -35.94
CA GLU A 238 -4.69 -6.44 -36.05
C GLU A 238 -4.65 -5.71 -34.72
N ARG A 239 -5.15 -6.34 -33.67
CA ARG A 239 -5.22 -5.64 -32.38
C ARG A 239 -3.85 -5.38 -31.80
N ILE A 240 -2.94 -6.32 -31.97
CA ILE A 240 -1.57 -6.14 -31.47
C ILE A 240 -0.84 -5.08 -32.28
N ALA A 241 -1.04 -5.06 -33.61
CA ALA A 241 -0.39 -4.03 -34.43
C ALA A 241 -0.86 -2.64 -34.01
N VAL A 242 -2.15 -2.48 -33.73
CA VAL A 242 -2.67 -1.17 -33.35
C VAL A 242 -2.08 -0.78 -32.01
N GLY A 243 -2.05 -1.73 -31.05
CA GLY A 243 -1.55 -1.37 -29.74
C GLY A 243 -0.05 -1.17 -29.69
N LYS A 244 0.70 -1.99 -30.40
CA LYS A 244 2.15 -1.87 -30.36
C LYS A 244 2.61 -0.61 -31.11
N SER A 245 1.96 -0.28 -32.21
CA SER A 245 2.37 0.88 -32.97
C SER A 245 2.02 2.20 -32.28
N SER A 246 1.11 2.17 -31.31
CA SER A 246 0.71 3.36 -30.55
C SER A 246 1.94 3.96 -29.86
N ASN A 247 2.26 5.22 -30.18
CA ASN A 247 3.40 5.88 -29.56
C ASN A 247 4.70 5.16 -29.88
N SER A 248 4.72 4.45 -31.02
CA SER A 248 5.82 3.64 -31.47
C SER A 248 6.37 2.74 -30.35
N GLY A 249 5.45 2.10 -29.62
CA GLY A 249 5.82 1.18 -28.57
C GLY A 249 6.19 1.80 -27.25
N GLN A 250 6.14 3.12 -27.16
CA GLN A 250 6.56 3.84 -25.94
C GLN A 250 5.37 3.97 -25.01
N LEU A 251 4.94 2.80 -24.51
CA LEU A 251 3.85 2.70 -23.56
C LEU A 251 4.22 1.65 -22.51
N VAL A 253 2.46 -0.43 -21.08
CA VAL A 253 1.74 -1.73 -21.27
C VAL A 253 1.85 -2.25 -22.70
N ALA A 254 2.82 -1.72 -23.45
CA ALA A 254 2.95 -2.15 -24.82
C ALA A 254 3.30 -3.63 -24.86
N PRO A 255 2.78 -4.39 -25.81
CA PRO A 255 3.27 -5.76 -26.01
C PRO A 255 4.77 -5.73 -26.25
N ASP A 256 5.51 -6.46 -25.44
CA ASP A 256 6.97 -6.54 -25.55
C ASP A 256 7.42 -7.88 -26.08
N VAL A 257 6.80 -8.96 -25.63
CA VAL A 257 7.09 -10.33 -26.06
C VAL A 257 5.77 -10.96 -26.49
N VAL A 258 5.72 -11.54 -27.68
CA VAL A 258 4.58 -12.30 -28.14
C VAL A 258 4.99 -13.77 -28.16
N TRP A 259 4.17 -14.61 -27.51
CA TRP A 259 4.34 -16.04 -27.54
C TRP A 259 3.35 -16.63 -28.53
N VAL A 260 3.85 -17.38 -29.52
CA VAL A 260 3.03 -17.98 -30.57
C VAL A 260 3.46 -19.42 -30.79
N HIS A 261 2.51 -20.25 -31.16
CA HIS A 261 2.84 -21.63 -31.51
C HIS A 261 3.75 -21.67 -32.71
N GLU A 262 4.72 -22.59 -32.69
CA GLU A 262 5.70 -22.64 -33.77
C GLU A 262 5.04 -22.72 -35.14
N SER A 263 3.98 -23.52 -35.26
CA SER A 263 3.38 -23.72 -36.57
C SER A 263 2.66 -22.47 -37.07
N GLN A 264 2.46 -21.46 -36.22
CA GLN A 264 1.66 -20.31 -36.58
C GLN A 264 2.46 -19.03 -36.63
N ALA A 265 3.78 -19.11 -36.35
CA ALA A 265 4.63 -17.92 -36.30
C ALA A 265 4.63 -17.19 -37.65
N GLN A 266 4.90 -17.90 -38.74
CA GLN A 266 4.97 -17.28 -40.06
C GLN A 266 3.66 -16.57 -40.40
N ALA A 267 2.53 -17.29 -40.29
CA ALA A 267 1.24 -16.66 -40.57
C ALA A 267 0.99 -15.42 -39.69
N PHE A 268 1.40 -15.46 -38.43
CA PHE A 268 1.15 -14.30 -37.58
C PHE A 268 1.96 -13.08 -38.06
N VAL A 269 3.22 -13.28 -38.38
CA VAL A 269 4.07 -12.17 -38.84
C VAL A 269 3.56 -11.59 -40.14
N GLU A 270 3.10 -12.45 -41.05
CA GLU A 270 2.54 -11.96 -42.32
C GLU A 270 1.31 -11.10 -42.09
N ALA A 271 0.42 -11.54 -41.21
CA ALA A 271 -0.77 -10.73 -40.92
C ALA A 271 -0.38 -9.44 -40.22
N LEU A 272 0.56 -9.50 -39.27
CA LEU A 272 1.05 -8.31 -38.59
C LEU A 272 1.63 -7.29 -39.57
N ASP A 273 2.42 -7.77 -40.54
CA ASP A 273 2.98 -6.90 -41.57
C ASP A 273 1.90 -6.25 -42.45
N GLU A 274 0.90 -7.03 -42.87
CA GLU A 274 -0.18 -6.46 -43.67
C GLU A 274 -0.91 -5.36 -42.92
N VAL A 275 -1.21 -5.59 -41.65
CA VAL A 275 -1.96 -4.58 -40.89
C VAL A 275 -1.12 -3.33 -40.73
N TRP A 276 0.14 -3.51 -40.31
CA TRP A 276 1.03 -2.38 -40.08
C TRP A 276 1.22 -1.52 -41.34
N ARG A 277 1.39 -2.13 -42.52
CA ARG A 277 1.56 -1.36 -43.73
C ARG A 277 0.29 -0.60 -44.09
N GLY A 278 -0.86 -1.12 -43.69
CA GLY A 278 -2.10 -0.38 -43.90
C GLY A 278 -2.29 0.76 -42.94
N LEU A 279 -1.77 0.62 -41.71
CA LEU A 279 -1.80 1.72 -40.77
C LEU A 279 -0.83 2.81 -41.18
N PHE A 280 0.37 2.42 -41.66
CA PHE A 280 1.46 3.34 -41.98
C PHE A 280 1.99 3.04 -43.39
N PRO A 281 1.32 3.55 -44.44
CA PRO A 281 1.76 3.25 -45.80
C PRO A 281 3.15 3.78 -46.11
N THR A 282 3.58 4.82 -45.39
CA THR A 282 4.97 5.24 -45.38
C THR A 282 5.39 5.35 -43.92
N ILE A 283 6.71 5.30 -43.70
CA ILE A 283 7.27 5.47 -42.35
C ILE A 283 8.00 6.80 -42.25
N ALA A 284 9.06 6.97 -43.05
CA ALA A 284 9.79 8.22 -43.08
C ALA A 284 8.86 9.35 -43.53
N GLY A 285 8.88 10.44 -42.77
CA GLY A 285 8.07 11.60 -43.10
C GLY A 285 6.58 11.47 -42.78
N ASN A 286 6.16 10.37 -42.19
CA ASN A 286 4.75 10.14 -41.84
C ASN A 286 4.49 10.71 -40.45
N ARG A 287 3.74 11.82 -40.36
CA ARG A 287 3.48 12.44 -39.07
C ARG A 287 2.63 11.57 -38.16
N ASP A 288 1.97 10.53 -38.68
CA ASP A 288 1.28 9.61 -37.80
C ASP A 288 2.22 8.70 -37.05
N VAL A 289 3.48 8.57 -37.47
CA VAL A 289 4.44 7.69 -36.79
C VAL A 289 5.11 8.47 -35.66
N VAL A 290 4.92 8.02 -34.45
CA VAL A 290 5.53 8.80 -33.37
C VAL A 290 7.03 8.53 -33.35
N PRO A 291 7.88 9.55 -33.36
CA PRO A 291 9.32 9.30 -33.25
C PRO A 291 9.67 8.72 -31.87
N VAL A 292 10.73 7.92 -31.81
CA VAL A 292 11.36 7.66 -30.51
C VAL A 292 11.77 9.00 -29.92
N VAL A 293 11.54 9.17 -28.60
CA VAL A 293 11.48 10.51 -28.03
C VAL A 293 12.77 11.28 -28.27
N ASN A 294 13.93 10.62 -28.17
CA ASN A 294 15.19 11.34 -28.36
C ASN A 294 16.26 10.35 -28.78
N GLU A 295 17.48 10.89 -28.98
CA GLU A 295 18.56 10.08 -29.53
C GLU A 295 19.02 9.03 -28.55
N ARG A 296 19.00 9.38 -27.24
CA ARG A 296 19.36 8.42 -26.21
C ARG A 296 18.49 7.17 -26.32
N HIS A 297 17.18 7.36 -26.33
CA HIS A 297 16.31 6.18 -26.33
C HIS A 297 16.30 5.52 -27.69
N PHE A 298 16.50 6.29 -28.75
CA PHE A 298 16.61 5.66 -30.06
C PHE A 298 17.83 4.72 -30.12
N ALA A 299 19.00 5.20 -29.65
CA ALA A 299 20.18 4.35 -29.66
C ALA A 299 19.99 3.14 -28.75
N ARG A 300 19.25 3.31 -27.67
CA ARG A 300 18.98 2.20 -26.76
C ARG A 300 18.25 1.07 -27.48
N VAL A 301 17.11 1.39 -28.11
CA VAL A 301 16.30 0.39 -28.77
C VAL A 301 17.08 -0.23 -29.90
N GLU A 302 17.73 0.60 -30.70
CA GLU A 302 18.51 0.05 -31.81
C GLU A 302 19.66 -0.82 -31.35
N SER A 303 20.23 -0.54 -30.16
CA SER A 303 21.33 -1.40 -29.69
C SER A 303 20.80 -2.80 -29.32
N TYR A 304 19.56 -2.88 -28.84
CA TYR A 304 18.97 -4.21 -28.54
C TYR A 304 18.80 -5.03 -29.82
N VAL A 305 18.38 -4.38 -30.90
CA VAL A 305 18.19 -5.08 -32.17
C VAL A 305 19.52 -5.53 -32.73
N ALA A 306 20.52 -4.64 -32.70
CA ALA A 306 21.84 -5.01 -33.24
C ALA A 306 22.48 -6.09 -32.39
N ASP A 307 22.32 -6.01 -31.06
CA ASP A 307 22.92 -7.05 -30.22
C ASP A 307 22.28 -8.42 -30.53
N ALA A 308 20.95 -8.45 -30.71
CA ALA A 308 20.26 -9.69 -31.00
C ALA A 308 20.79 -10.31 -32.28
N ALA A 309 20.95 -9.47 -33.31
CA ALA A 309 21.46 -9.97 -34.59
C ALA A 309 22.87 -10.51 -34.44
N GLU A 310 23.73 -9.79 -33.68
CA GLU A 310 25.10 -10.28 -33.54
C GLU A 310 25.11 -11.61 -32.82
N ARG A 311 24.13 -11.84 -31.94
CA ARG A 311 24.10 -13.07 -31.18
C ARG A 311 23.44 -14.22 -31.93
N GLY A 312 23.04 -14.00 -33.18
CA GLY A 312 22.53 -15.04 -34.04
C GLY A 312 21.03 -15.16 -34.11
N ALA A 313 20.27 -14.21 -33.56
CA ALA A 313 18.82 -14.25 -33.65
C ALA A 313 18.35 -13.69 -34.99
N ARG A 314 17.29 -14.28 -35.55
CA ARG A 314 16.73 -13.77 -36.80
C ARG A 314 15.92 -12.52 -36.52
N VAL A 315 16.14 -11.48 -37.33
CA VAL A 315 15.42 -10.21 -37.18
C VAL A 315 14.60 -9.99 -38.44
N LEU A 316 13.29 -9.80 -38.28
CA LEU A 316 12.37 -9.60 -39.39
C LEU A 316 11.89 -8.15 -39.44
N LEU A 317 11.74 -7.63 -40.65
CA LEU A 317 11.13 -6.30 -40.82
C LEU A 317 9.63 -6.43 -41.00
N VAL A 318 8.87 -5.69 -40.21
CA VAL A 318 7.41 -5.69 -40.29
C VAL A 318 6.91 -4.27 -40.51
N GLY A 319 6.15 -4.06 -41.59
CA GLY A 319 5.49 -2.80 -41.80
C GLY A 319 6.22 -1.77 -42.62
N GLY A 320 7.38 -2.08 -43.15
CA GLY A 320 8.14 -1.14 -43.95
C GLY A 320 9.61 -1.46 -43.87
N TRP A 321 10.39 -0.65 -44.59
CA TRP A 321 11.83 -0.76 -44.70
C TRP A 321 12.49 0.42 -44.00
N PRO A 322 13.64 0.22 -43.37
CA PRO A 322 14.38 1.35 -42.83
C PRO A 322 14.93 2.21 -43.95
N SER A 323 15.18 3.46 -43.62
CA SER A 323 15.73 4.40 -44.59
C SER A 323 16.57 5.41 -43.85
N ALA A 324 17.49 6.05 -44.58
CA ALA A 324 18.29 7.12 -43.99
C ALA A 324 17.39 8.17 -43.34
N GLN A 325 16.34 8.59 -44.04
CA GLN A 325 15.48 9.65 -43.52
C GLN A 325 14.72 9.20 -42.28
N GLY A 326 14.20 7.96 -42.29
CA GLY A 326 13.52 7.47 -41.11
C GLY A 326 14.43 7.40 -39.90
N THR A 327 15.66 6.91 -40.10
CA THR A 327 16.63 6.89 -39.02
C THR A 327 16.84 8.29 -38.46
N ALA A 328 16.98 9.26 -39.35
CA ALA A 328 17.22 10.63 -38.92
C ALA A 328 16.06 11.18 -38.13
N GLU A 329 14.83 10.81 -38.50
CA GLU A 329 13.63 11.22 -37.78
C GLU A 329 13.32 10.35 -36.58
N ARG A 330 14.09 9.28 -36.35
CA ARG A 330 13.82 8.30 -35.30
C ARG A 330 12.48 7.62 -35.50
N ARG A 331 12.09 7.45 -36.75
CA ARG A 331 10.84 6.75 -37.12
C ARG A 331 11.21 5.45 -37.82
N MET A 332 10.73 4.34 -37.28
CA MET A 332 11.16 3.03 -37.75
C MET A 332 9.99 2.09 -37.99
N PRO A 333 10.11 1.16 -38.94
CA PRO A 333 9.18 0.02 -38.98
C PRO A 333 9.46 -0.87 -37.76
N LEU A 334 8.56 -1.83 -37.55
CA LEU A 334 8.72 -2.79 -36.45
C LEU A 334 9.81 -3.79 -36.84
N ARG A 335 10.75 -4.03 -35.95
CA ARG A 335 11.67 -5.15 -36.10
C ARG A 335 11.20 -6.25 -35.15
N VAL A 336 11.01 -7.45 -35.64
CA VAL A 336 10.61 -8.57 -34.81
C VAL A 336 11.81 -9.49 -34.65
N VAL A 337 12.21 -9.79 -33.42
CA VAL A 337 13.38 -10.62 -33.15
C VAL A 337 12.86 -11.98 -32.67
N MET A 338 13.24 -13.05 -33.37
CA MET A 338 12.75 -14.39 -33.10
CA MET A 338 12.72 -14.38 -33.05
C MET A 338 13.62 -15.08 -32.05
N ASN A 339 12.98 -15.66 -31.01
CA ASN A 339 13.61 -16.52 -30.01
C ASN A 339 15.02 -16.06 -29.66
N PRO A 340 15.19 -14.81 -29.23
CA PRO A 340 16.53 -14.34 -28.89
C PRO A 340 17.11 -15.13 -27.73
N PRO A 341 18.43 -15.28 -27.70
CA PRO A 341 19.05 -15.97 -26.55
C PRO A 341 18.78 -15.24 -25.24
N ALA A 342 18.73 -16.02 -24.14
CA ALA A 342 18.33 -15.48 -22.84
C ALA A 342 19.29 -14.42 -22.33
N ASP A 343 20.55 -14.44 -22.76
CA ASP A 343 21.52 -13.45 -22.33
C ASP A 343 21.66 -12.27 -23.31
N SER A 344 20.78 -12.16 -24.30
CA SER A 344 20.81 -10.99 -25.18
C SER A 344 20.17 -9.81 -24.48
N GLU A 345 20.58 -8.60 -24.88
CA GLU A 345 20.02 -7.40 -24.27
C GLU A 345 18.50 -7.36 -24.43
N ILE A 346 17.98 -7.70 -25.61
CA ILE A 346 16.55 -7.58 -25.85
C ILE A 346 15.75 -8.64 -25.09
N ALA A 347 16.40 -9.68 -24.59
CA ALA A 347 15.70 -10.65 -23.74
C ALA A 347 15.65 -10.18 -22.29
N ARG A 348 16.49 -9.24 -21.91
CA ARG A 348 16.65 -8.85 -20.52
C ARG A 348 16.20 -7.44 -20.19
N HIS A 349 15.80 -6.65 -21.17
CA HIS A 349 15.38 -5.27 -20.92
C HIS A 349 14.04 -4.98 -21.60
N GLU A 350 13.28 -4.07 -21.00
CA GLU A 350 12.07 -3.53 -21.59
C GLU A 350 12.42 -2.77 -22.87
N ILE A 351 11.69 -3.06 -23.94
CA ILE A 351 12.05 -2.50 -25.23
C ILE A 351 11.59 -1.05 -25.31
N PHE A 352 10.31 -0.80 -25.04
CA PHE A 352 9.76 0.53 -24.98
C PHE A 352 10.07 1.26 -26.29
N GLY A 353 9.71 0.62 -27.41
CA GLY A 353 10.01 1.17 -28.72
C GLY A 353 9.63 0.22 -29.83
N PRO A 354 10.04 0.54 -31.06
CA PRO A 354 9.57 -0.17 -32.25
C PRO A 354 10.36 -1.46 -32.51
N ALA A 355 10.30 -2.36 -31.54
CA ALA A 355 10.80 -3.70 -31.73
C ALA A 355 10.02 -4.63 -30.82
N LEU A 356 10.02 -5.90 -31.19
CA LEU A 356 9.21 -6.87 -30.50
C LEU A 356 9.93 -8.20 -30.52
N VAL A 357 9.85 -8.92 -29.42
CA VAL A 357 10.33 -10.29 -29.36
C VAL A 357 9.18 -11.23 -29.71
N LEU A 358 9.44 -12.16 -30.62
CA LEU A 358 8.49 -13.22 -30.99
C LEU A 358 9.12 -14.55 -30.58
N ASN A 359 8.59 -15.18 -29.53
CA ASN A 359 9.08 -16.46 -29.04
C ASN A 359 8.07 -17.54 -29.44
N THR A 360 8.55 -18.70 -29.85
CA THR A 360 7.66 -19.79 -30.22
C THR A 360 7.58 -20.82 -29.09
N PHE A 361 6.48 -21.56 -29.10
CA PHE A 361 6.27 -22.65 -28.15
C PHE A 361 5.62 -23.82 -28.86
N ARG A 362 5.70 -24.98 -28.21
CA ARG A 362 4.94 -26.18 -28.59
C ARG A 362 3.67 -26.35 -27.77
N GLU A 363 3.75 -26.07 -26.47
CA GLU A 363 2.66 -26.21 -25.51
C GLU A 363 2.64 -24.93 -24.71
N LEU A 364 1.44 -24.33 -24.59
CA LEU A 364 1.29 -23.05 -23.91
C LEU A 364 1.87 -23.03 -22.51
N PRO A 365 1.82 -24.10 -21.73
CA PRO A 365 2.51 -24.04 -20.42
C PRO A 365 4.00 -23.75 -20.52
N GLN A 366 4.65 -24.06 -21.66
CA GLN A 366 6.06 -23.69 -21.82
C GLN A 366 6.25 -22.18 -21.80
N ALA A 367 5.35 -21.44 -22.46
CA ALA A 367 5.41 -19.99 -22.40
C ALA A 367 5.10 -19.46 -21.00
N VAL A 368 4.12 -20.03 -20.33
CA VAL A 368 3.79 -19.58 -18.98
C VAL A 368 4.98 -19.80 -18.04
N ALA A 369 5.64 -20.95 -18.17
CA ALA A 369 6.83 -21.22 -17.34
C ALA A 369 7.93 -20.17 -17.57
N ALA A 370 8.18 -19.82 -18.83
CA ALA A 370 9.18 -18.80 -19.13
C ALA A 370 8.79 -17.47 -18.51
N ILE A 371 7.51 -17.09 -18.64
CA ILE A 371 7.04 -15.84 -18.04
C ILE A 371 7.27 -15.85 -16.54
N ASN A 372 6.92 -16.94 -15.89
CA ASN A 372 7.06 -17.05 -14.44
C ASN A 372 8.52 -17.06 -14.01
N ALA A 373 9.45 -17.45 -14.87
CA ALA A 373 10.88 -17.41 -14.49
C ALA A 373 11.42 -15.99 -14.52
N GLY A 374 10.71 -15.06 -15.15
CA GLY A 374 11.13 -13.68 -15.25
C GLY A 374 10.46 -12.81 -14.20
N GLU A 375 10.69 -11.51 -14.29
CA GLU A 375 9.97 -10.61 -13.37
C GLU A 375 8.53 -10.44 -13.79
N ARG A 376 7.69 -10.10 -12.80
CA ARG A 376 6.26 -9.97 -13.06
C ARG A 376 5.97 -8.68 -13.84
N PRO A 377 5.33 -8.79 -15.02
CA PRO A 377 5.16 -7.63 -15.89
C PRO A 377 3.95 -6.78 -15.50
N LEU A 378 4.02 -5.53 -15.94
CA LEU A 378 2.94 -4.60 -15.66
C LEU A 378 1.63 -5.08 -16.29
N ALA A 379 1.71 -5.64 -17.49
CA ALA A 379 0.56 -6.16 -18.21
C ALA A 379 0.86 -7.55 -18.73
N LEU A 380 -0.19 -8.36 -18.90
CA LEU A 380 -0.12 -9.64 -19.57
C LEU A 380 -1.37 -9.76 -20.44
N TYR A 381 -1.21 -10.33 -21.63
CA TYR A 381 -2.30 -10.44 -22.58
C TYR A 381 -2.50 -11.89 -23.00
N TYR A 382 -3.77 -12.23 -23.28
CA TYR A 382 -4.14 -13.55 -23.78
C TYR A 382 -5.14 -13.37 -24.90
N PHE A 383 -4.88 -14.03 -26.04
CA PHE A 383 -5.79 -14.05 -27.17
C PHE A 383 -6.29 -15.47 -27.32
N GLY A 384 -7.60 -15.63 -27.38
CA GLY A 384 -8.14 -16.96 -27.61
C GLY A 384 -9.62 -17.01 -27.25
N SER A 385 -10.19 -18.19 -27.46
CA SER A 385 -11.62 -18.39 -27.24
C SER A 385 -11.93 -19.54 -26.30
N ASP A 386 -10.93 -20.08 -25.61
CA ASP A 386 -11.06 -21.28 -24.78
C ASP A 386 -11.07 -20.79 -23.34
N GLU A 387 -12.25 -20.79 -22.71
CA GLU A 387 -12.35 -20.18 -21.38
C GLU A 387 -11.50 -20.94 -20.37
N ALA A 388 -11.50 -22.28 -20.48
CA ALA A 388 -10.69 -23.09 -19.57
C ALA A 388 -9.21 -22.76 -19.73
N GLU A 389 -8.76 -22.54 -20.96
CA GLU A 389 -7.38 -22.19 -21.18
C GLU A 389 -7.10 -20.78 -20.66
N GLN A 390 -8.00 -19.84 -20.93
CA GLN A 390 -7.82 -18.48 -20.44
C GLN A 390 -7.69 -18.46 -18.91
N ARG A 391 -8.60 -19.15 -18.24
CA ARG A 391 -8.56 -19.23 -16.78
C ARG A 391 -7.26 -19.85 -16.30
N TRP A 392 -6.80 -20.92 -16.96
CA TRP A 392 -5.55 -21.55 -16.54
C TRP A 392 -4.39 -20.58 -16.68
N VAL A 393 -4.34 -19.80 -17.77
CA VAL A 393 -3.23 -18.87 -17.96
C VAL A 393 -3.22 -17.83 -16.86
N LEU A 394 -4.40 -17.29 -16.52
CA LEU A 394 -4.42 -16.22 -15.51
C LEU A 394 -4.12 -16.78 -14.13
N GLU A 395 -4.63 -17.96 -13.83
CA GLU A 395 -4.41 -18.52 -12.52
CA GLU A 395 -4.41 -18.55 -12.52
C GLU A 395 -2.94 -18.86 -12.28
N HIS A 396 -2.17 -19.12 -13.34
CA HIS A 396 -0.77 -19.55 -13.22
C HIS A 396 0.22 -18.44 -13.58
N THR A 397 -0.26 -17.20 -13.66
CA THR A 397 0.62 -16.04 -13.90
C THR A 397 0.23 -14.96 -12.91
N LEU A 398 1.04 -13.92 -12.85
CA LEU A 398 0.66 -12.71 -12.12
C LEU A 398 1.27 -11.55 -12.85
N SER A 399 0.46 -10.53 -13.09
CA SER A 399 0.84 -9.32 -13.79
C SER A 399 0.08 -8.19 -13.13
N GLY A 400 0.49 -6.95 -13.44
CA GLY A 400 -0.21 -5.83 -12.86
C GLY A 400 -1.69 -5.85 -13.24
N GLY A 401 -1.97 -5.98 -14.54
CA GLY A 401 -3.30 -6.04 -15.11
C GLY A 401 -3.26 -6.89 -16.36
N VAL A 402 -4.45 -7.05 -16.97
CA VAL A 402 -4.61 -7.96 -18.09
C VAL A 402 -5.60 -7.39 -19.09
N SER A 403 -5.33 -7.63 -20.38
CA SER A 403 -6.41 -7.53 -21.37
C SER A 403 -6.54 -8.85 -22.08
N ILE A 404 -7.78 -9.25 -22.34
CA ILE A 404 -8.11 -10.47 -23.07
CA ILE A 404 -8.13 -10.46 -23.07
C ILE A 404 -8.64 -10.06 -24.44
N ASN A 405 -8.03 -10.60 -25.47
CA ASN A 405 -8.39 -10.41 -26.89
C ASN A 405 -8.22 -8.95 -27.32
N ASP A 406 -7.36 -8.23 -26.62
CA ASP A 406 -6.87 -6.92 -27.05
C ASP A 406 -5.62 -6.65 -26.25
N VAL A 407 -4.94 -5.55 -26.58
CA VAL A 407 -3.77 -5.08 -25.83
C VAL A 407 -3.99 -3.62 -25.46
N CYS A 408 -3.41 -3.23 -24.33
CA CYS A 408 -3.26 -1.84 -23.92
C CYS A 408 -4.58 -1.20 -23.50
N MET A 409 -5.63 -1.96 -23.22
CA MET A 409 -6.93 -1.36 -22.93
C MET A 409 -7.23 -1.22 -21.44
N HIS A 410 -6.77 -2.13 -20.59
CA HIS A 410 -7.20 -2.10 -19.19
C HIS A 410 -6.79 -0.83 -18.41
N PRO A 411 -5.72 -0.09 -18.74
CA PRO A 411 -5.46 1.15 -17.99
C PRO A 411 -6.52 2.21 -18.25
N ALA A 412 -7.30 2.09 -19.32
CA ALA A 412 -8.39 3.04 -19.55
C ALA A 412 -9.64 2.72 -18.72
N LEU A 413 -9.63 1.68 -17.90
CA LEU A 413 -10.74 1.40 -16.98
C LEU A 413 -10.76 2.43 -15.85
N HIS A 414 -11.84 3.21 -15.78
CA HIS A 414 -11.92 4.19 -14.68
C HIS A 414 -12.25 3.55 -13.34
N ASP A 415 -12.96 2.43 -13.34
CA ASP A 415 -13.43 1.85 -12.09
C ASP A 415 -12.71 0.57 -11.72
N ALA A 416 -11.41 0.50 -12.04
CA ALA A 416 -10.54 -0.60 -11.68
C ALA A 416 -9.15 -0.03 -11.45
N PRO A 417 -8.38 -0.65 -10.57
CA PRO A 417 -7.06 -0.11 -10.25
C PRO A 417 -6.10 -0.31 -11.41
N PHE A 418 -5.13 0.61 -11.52
CA PHE A 418 -4.07 0.50 -12.52
C PHE A 418 -2.75 0.55 -11.76
N GLY A 419 -1.97 -0.50 -11.91
CA GLY A 419 -0.73 -0.57 -11.17
C GLY A 419 -0.05 -1.91 -11.38
N GLY A 420 1.18 -2.00 -10.85
CA GLY A 420 2.01 -3.16 -11.04
C GLY A 420 2.05 -4.11 -9.85
N ILE A 421 2.97 -5.04 -9.94
CA ILE A 421 3.24 -6.03 -8.90
C ILE A 421 4.69 -6.47 -9.06
N GLY A 422 5.39 -6.63 -7.94
CA GLY A 422 6.78 -7.09 -8.06
C GLY A 422 7.62 -6.01 -8.72
N ALA A 423 8.47 -6.41 -9.66
CA ALA A 423 9.34 -5.43 -10.32
C ALA A 423 8.55 -4.40 -11.14
N SER A 424 7.27 -4.65 -11.45
CA SER A 424 6.49 -3.67 -12.22
C SER A 424 5.84 -2.63 -11.31
N GLY A 425 6.02 -2.75 -10.00
CA GLY A 425 5.63 -1.67 -9.11
C GLY A 425 4.76 -2.12 -7.96
N MET A 426 4.31 -1.13 -7.21
CA MET A 426 3.48 -1.37 -6.06
C MET A 426 2.53 -0.20 -5.92
N GLY A 427 1.32 -0.49 -5.45
CA GLY A 427 0.32 0.58 -5.33
C GLY A 427 -0.45 0.74 -6.64
N ARG A 428 -1.38 1.66 -6.65
CA ARG A 428 -2.28 1.79 -7.81
CA ARG A 428 -2.23 1.81 -7.83
C ARG A 428 -2.99 3.13 -7.76
N TYR A 429 -3.55 3.53 -8.91
CA TYR A 429 -4.50 4.65 -8.94
C TYR A 429 -5.64 4.29 -9.88
N HIS A 430 -6.60 5.21 -9.99
CA HIS A 430 -7.88 5.04 -10.71
C HIS A 430 -8.99 4.50 -9.81
N GLY A 431 -10.21 5.00 -10.00
CA GLY A 431 -11.38 4.47 -9.33
C GLY A 431 -11.31 4.56 -7.78
N ARG A 432 -12.17 3.76 -7.16
CA ARG A 432 -12.24 3.75 -5.70
C ARG A 432 -10.92 3.29 -5.11
N GLU A 433 -10.25 2.32 -5.75
CA GLU A 433 -8.96 1.88 -5.29
C GLU A 433 -7.95 3.03 -5.26
N GLY A 434 -7.98 3.91 -6.27
CA GLY A 434 -7.11 5.06 -6.27
C GLY A 434 -7.46 6.10 -5.21
N PHE A 435 -8.76 6.30 -4.99
CA PHE A 435 -9.20 7.09 -3.84
C PHE A 435 -8.65 6.54 -2.51
N LEU A 436 -8.75 5.23 -2.34
CA LEU A 436 -8.23 4.62 -1.11
C LEU A 436 -6.72 4.73 -1.00
N GLU A 437 -6.01 4.64 -2.14
CA GLU A 437 -4.56 4.75 -2.15
C GLU A 437 -4.05 6.05 -1.50
N PHE A 438 -4.75 7.17 -1.71
CA PHE A 438 -4.35 8.48 -1.25
C PHE A 438 -5.16 8.97 -0.07
N SER A 439 -5.90 8.04 0.56
CA SER A 439 -6.59 8.23 1.80
C SER A 439 -5.93 7.42 2.90
N HIS A 440 -6.14 7.87 4.14
CA HIS A 440 -5.87 7.01 5.26
C HIS A 440 -7.22 6.44 5.71
N ALA A 441 -7.31 5.12 5.77
CA ALA A 441 -8.46 4.42 6.27
C ALA A 441 -8.31 4.28 7.79
N ARG A 442 -9.12 5.06 8.51
CA ARG A 442 -8.93 5.26 9.94
C ARG A 442 -10.02 4.52 10.69
N SER A 443 -9.68 3.38 11.30
CA SER A 443 -10.66 2.66 12.11
C SER A 443 -10.94 3.36 13.43
N VAL A 444 -12.21 3.36 13.82
CA VAL A 444 -12.69 4.03 15.02
C VAL A 444 -13.53 3.07 15.82
N TYR A 445 -13.17 2.88 17.07
CA TYR A 445 -14.01 2.19 18.04
C TYR A 445 -14.65 3.24 18.93
N GLN A 446 -15.96 3.12 19.17
CA GLN A 446 -16.67 4.02 20.06
C GLN A 446 -17.29 3.22 21.19
N ALA A 447 -16.90 3.54 22.42
CA ALA A 447 -17.36 2.78 23.56
C ALA A 447 -18.85 2.95 23.77
N GLY A 448 -19.46 1.96 24.43
CA GLY A 448 -20.83 2.05 24.88
C GLY A 448 -20.90 2.67 26.26
N SER A 449 -22.12 2.66 26.81
CA SER A 449 -22.36 3.35 28.08
C SER A 449 -21.84 2.53 29.27
N HIS A 450 -22.13 1.23 29.29
CA HIS A 450 -21.84 0.40 30.45
C HIS A 450 -20.69 -0.56 30.16
N ASP A 451 -19.66 -0.50 30.99
CA ASP A 451 -18.49 -1.38 30.88
C ASP A 451 -18.71 -2.57 31.80
N PRO A 452 -18.88 -3.79 31.27
CA PRO A 452 -19.13 -4.93 32.14
C PRO A 452 -17.88 -5.61 32.68
N ARG A 453 -16.67 -5.08 32.41
CA ARG A 453 -15.47 -5.83 32.72
C ARG A 453 -15.33 -6.04 34.21
N ARG A 454 -15.62 -5.00 35.01
CA ARG A 454 -15.44 -5.12 36.45
C ARG A 454 -16.36 -6.18 37.05
N GLU A 455 -17.63 -6.20 36.63
CA GLU A 455 -18.60 -7.17 37.17
C GLU A 455 -18.20 -8.61 36.84
N TRP A 456 -17.64 -8.82 35.66
CA TRP A 456 -17.30 -10.13 35.14
C TRP A 456 -15.97 -10.65 35.65
N GLY A 457 -15.25 -9.89 36.48
CA GLY A 457 -13.94 -10.34 36.94
C GLY A 457 -12.86 -10.25 35.90
N MET A 458 -13.05 -9.41 34.87
CA MET A 458 -12.08 -9.31 33.80
C MET A 458 -10.96 -8.33 34.12
N LEU A 459 -11.09 -7.53 35.17
CA LEU A 459 -10.03 -6.60 35.53
C LEU A 459 -9.18 -7.20 36.64
N PRO A 460 -7.90 -6.87 36.72
CA PRO A 460 -7.12 -7.27 37.89
C PRO A 460 -7.74 -6.70 39.14
N PRO A 461 -7.63 -7.40 40.29
CA PRO A 461 -7.18 -8.82 40.43
C PRO A 461 -8.15 -9.79 39.72
N TYR A 462 -7.64 -10.63 38.83
CA TYR A 462 -8.48 -11.36 37.90
C TYR A 462 -9.32 -12.39 38.63
N GLY A 463 -10.58 -12.53 38.21
CA GLY A 463 -11.43 -13.55 38.82
C GLY A 463 -11.10 -14.95 38.33
N GLU A 464 -11.32 -15.95 39.19
CA GLU A 464 -11.08 -17.32 38.79
C GLU A 464 -12.11 -17.75 37.77
N GLN A 465 -13.37 -17.31 37.93
CA GLN A 465 -14.39 -17.64 36.94
C GLN A 465 -14.01 -17.06 35.58
N PHE A 466 -13.51 -15.83 35.56
CA PHE A 466 -13.05 -15.24 34.30
C PHE A 466 -11.96 -16.08 33.65
N GLU A 467 -10.97 -16.51 34.44
CA GLU A 467 -9.91 -17.34 33.87
C GLU A 467 -10.47 -18.65 33.34
N ALA A 468 -11.42 -19.25 34.07
CA ALA A 468 -12.07 -20.46 33.60
C ALA A 468 -12.72 -20.25 32.25
N MET A 469 -13.39 -19.09 32.07
CA MET A 469 -14.06 -18.83 30.80
C MET A 469 -13.06 -18.57 29.68
N LEU A 470 -11.96 -17.86 29.96
CA LEU A 470 -10.92 -17.72 28.94
C LEU A 470 -10.46 -19.08 28.45
N ARG A 471 -10.21 -20.01 29.39
CA ARG A 471 -9.73 -21.32 28.99
C ARG A 471 -10.77 -22.06 28.16
N ALA A 472 -12.05 -21.95 28.53
CA ALA A 472 -13.07 -22.64 27.75
C ALA A 472 -13.22 -22.05 26.36
N SER A 473 -12.64 -20.87 26.13
CA SER A 473 -12.71 -20.22 24.82
C SER A 473 -11.62 -20.68 23.88
N VAL A 474 -10.61 -21.40 24.38
CA VAL A 474 -9.57 -21.96 23.53
C VAL A 474 -10.11 -23.21 22.87
N THR A 475 -10.68 -23.05 21.67
CA THR A 475 -11.32 -24.17 20.97
C THR A 475 -10.89 -24.09 19.51
N ARG A 476 -11.09 -25.21 18.83
CA ARG A 476 -10.84 -25.25 17.40
C ARG A 476 -11.79 -24.38 16.57
N ALA B 7 22.39 -18.06 2.95
CA ALA B 7 21.86 -19.04 2.00
C ALA B 7 20.74 -19.87 2.62
N PRO B 8 20.97 -20.46 3.79
CA PRO B 8 19.88 -21.20 4.45
C PRO B 8 18.56 -20.44 4.45
N LEU B 9 18.57 -19.16 4.83
CA LEU B 9 17.34 -18.38 4.79
C LEU B 9 16.82 -18.26 3.36
N ARG B 10 17.72 -17.99 2.40
CA ARG B 10 17.32 -17.91 1.00
C ARG B 10 16.85 -19.27 0.46
N ALA B 11 17.52 -20.35 0.86
CA ALA B 11 17.06 -21.67 0.42
C ALA B 11 15.62 -21.93 0.86
N LEU B 12 15.26 -21.47 2.06
CA LEU B 12 13.90 -21.65 2.54
C LEU B 12 12.91 -20.80 1.77
N LEU B 13 13.28 -19.56 1.49
CA LEU B 13 12.41 -18.73 0.67
C LEU B 13 12.21 -19.38 -0.69
N ASP B 14 13.29 -19.91 -1.26
CA ASP B 14 13.20 -20.49 -2.60
C ASP B 14 12.33 -21.75 -2.59
N ALA B 15 12.39 -22.53 -1.50
CA ALA B 15 11.54 -23.70 -1.38
C ALA B 15 10.07 -23.30 -1.31
N GLN B 16 9.75 -22.28 -0.52
CA GLN B 16 8.37 -21.79 -0.47
C GLN B 16 7.94 -21.23 -1.82
N ARG B 17 8.84 -20.50 -2.50
CA ARG B 17 8.50 -19.93 -3.80
C ARG B 17 8.25 -21.01 -4.84
N ALA B 18 9.09 -22.04 -4.86
CA ALA B 18 8.89 -23.13 -5.79
C ALA B 18 7.54 -23.80 -5.57
N ALA B 19 7.18 -24.02 -4.31
CA ALA B 19 5.91 -24.66 -4.02
C ALA B 19 4.74 -23.75 -4.39
N PHE B 20 4.90 -22.45 -4.16
CA PHE B 20 3.84 -21.51 -4.52
C PHE B 20 3.56 -21.54 -6.03
N LEU B 21 4.62 -21.54 -6.84
CA LEU B 21 4.45 -21.56 -8.29
C LEU B 21 3.76 -22.84 -8.76
N GLU B 22 3.77 -23.89 -7.96
CA GLU B 22 3.06 -25.14 -8.28
C GLU B 22 1.64 -25.19 -7.75
N ASP B 23 1.30 -24.39 -6.74
CA ASP B 23 -0.08 -24.33 -6.28
C ASP B 23 -1.02 -23.95 -7.43
N GLY B 24 -0.57 -23.08 -8.32
CA GLY B 24 -1.51 -22.43 -9.22
C GLY B 24 -2.53 -21.63 -8.42
N GLY B 25 -3.81 -21.89 -8.69
CA GLY B 25 -4.83 -21.25 -7.89
C GLY B 25 -4.88 -21.90 -6.52
N VAL B 26 -5.17 -21.11 -5.51
CA VAL B 26 -5.25 -21.61 -4.14
C VAL B 26 -6.71 -21.59 -3.68
N PRO B 27 -7.42 -22.71 -3.69
CA PRO B 27 -8.87 -22.66 -3.40
C PRO B 27 -9.17 -22.24 -1.97
N ASP B 28 -10.37 -21.65 -1.77
CA ASP B 28 -10.86 -21.30 -0.45
C ASP B 28 -10.57 -22.40 0.57
N THR B 29 -10.93 -23.65 0.24
CA THR B 29 -10.85 -24.71 1.25
C THR B 29 -9.41 -25.02 1.67
N LEU B 30 -8.42 -24.86 0.77
CA LEU B 30 -7.02 -25.02 1.18
C LEU B 30 -6.60 -23.92 2.14
N ARG B 31 -6.99 -22.69 1.85
CA ARG B 31 -6.67 -21.59 2.77
C ARG B 31 -7.32 -21.81 4.13
N GLN B 32 -8.57 -22.29 4.13
CA GLN B 32 -9.23 -22.56 5.40
C GLN B 32 -8.55 -23.70 6.16
N ALA B 33 -8.09 -24.74 5.43
CA ALA B 33 -7.38 -25.83 6.08
C ALA B 33 -6.06 -25.36 6.67
N ARG B 34 -5.33 -24.51 5.97
CA ARG B 34 -4.13 -23.93 6.56
C ARG B 34 -4.44 -23.13 7.82
N LEU B 35 -5.45 -22.28 7.76
CA LEU B 35 -5.78 -21.49 8.94
C LEU B 35 -6.18 -22.40 10.10
N GLN B 36 -6.94 -23.45 9.80
CA GLN B 36 -7.38 -24.38 10.83
C GLN B 36 -6.20 -25.12 11.46
N ARG B 37 -5.19 -25.45 10.64
CA ARG B 37 -4.00 -26.09 11.18
C ARG B 37 -3.25 -25.17 12.14
N VAL B 38 -3.19 -23.87 11.82
CA VAL B 38 -2.59 -22.92 12.76
C VAL B 38 -3.41 -22.85 14.05
N ILE B 39 -4.75 -22.79 13.92
CA ILE B 39 -5.64 -22.80 15.08
C ILE B 39 -5.37 -24.04 15.94
N ASP B 40 -5.34 -25.21 15.30
CA ASP B 40 -5.15 -26.47 16.04
C ASP B 40 -3.79 -26.50 16.75
N MET B 41 -2.76 -25.95 16.10
CA MET B 41 -1.44 -25.88 16.70
C MET B 41 -1.47 -25.05 18.00
N LEU B 42 -2.10 -23.88 17.94
CA LEU B 42 -2.19 -23.02 19.12
C LEU B 42 -3.06 -23.66 20.19
N VAL B 43 -4.17 -24.29 19.80
CA VAL B 43 -5.03 -24.94 20.79
C VAL B 43 -4.22 -26.00 21.51
N GLU B 44 -3.42 -26.76 20.77
CA GLU B 44 -2.69 -27.89 21.38
C GLU B 44 -1.57 -27.39 22.29
N HIS B 45 -0.97 -26.24 22.01
CA HIS B 45 0.26 -25.86 22.69
C HIS B 45 0.11 -24.62 23.56
N HIS B 46 -1.10 -24.12 23.75
CA HIS B 46 -1.20 -22.79 24.35
C HIS B 46 -0.64 -22.74 25.78
N ASP B 47 -0.78 -23.81 26.56
CA ASP B 47 -0.25 -23.73 27.92
C ASP B 47 1.26 -23.60 27.90
N ALA B 48 1.94 -24.34 27.05
CA ALA B 48 3.39 -24.20 26.99
C ALA B 48 3.78 -22.84 26.46
N LEU B 49 2.99 -22.28 25.57
CA LEU B 49 3.30 -20.95 25.04
C LEU B 49 3.12 -19.89 26.12
N ALA B 51 3.49 -20.32 29.29
CA ALA B 51 4.57 -20.49 30.25
C ALA B 51 5.87 -19.85 29.74
N ALA B 52 6.13 -20.02 28.42
CA ALA B 52 7.27 -19.37 27.80
C ALA B 52 7.17 -17.85 27.89
N MET B 53 5.98 -17.30 27.65
CA MET B 53 5.82 -15.84 27.70
C MET B 53 5.99 -15.33 29.12
N GLU B 54 5.46 -16.06 30.11
CA GLU B 54 5.63 -15.65 31.50
C GLU B 54 7.10 -15.58 31.84
N GLN B 55 7.86 -16.63 31.51
CA GLN B 55 9.26 -16.66 31.87
C GLN B 55 10.10 -15.65 31.10
N ASP B 56 9.77 -15.39 29.82
CA ASP B 56 10.55 -14.42 29.04
C ASP B 56 10.49 -13.03 29.65
N PHE B 57 9.35 -12.65 30.22
CA PHE B 57 9.21 -11.35 30.85
C PHE B 57 9.64 -11.35 32.30
N GLY B 58 9.99 -12.50 32.86
CA GLY B 58 10.22 -12.56 34.28
C GLY B 58 8.95 -12.43 35.11
N GLY B 59 7.80 -12.87 34.58
CA GLY B 59 6.57 -12.89 35.37
C GLY B 59 5.36 -12.25 34.71
N ARG B 60 5.22 -12.38 33.42
CA ARG B 60 4.05 -11.84 32.73
C ARG B 60 2.85 -12.75 32.97
N SER B 61 1.75 -12.15 33.43
CA SER B 61 0.56 -12.90 33.80
C SER B 61 0.09 -13.84 32.70
N ARG B 62 -0.11 -15.12 33.07
CA ARG B 62 -0.67 -16.09 32.12
C ARG B 62 -2.08 -15.75 31.73
N VAL B 63 -2.79 -14.97 32.55
CA VAL B 63 -4.12 -14.51 32.17
C VAL B 63 -4.01 -13.47 31.06
N PHE B 64 -3.11 -12.51 31.23
CA PHE B 64 -2.95 -11.51 30.18
C PHE B 64 -2.48 -12.17 28.87
N SER B 65 -1.54 -13.12 28.97
CA SER B 65 -1.05 -13.77 27.75
C SER B 65 -2.15 -14.56 27.07
N LEU B 66 -2.99 -15.22 27.88
CA LEU B 66 -4.05 -16.03 27.29
C LEU B 66 -5.02 -15.12 26.54
N MET B 67 -5.41 -14.02 27.16
CA MET B 67 -6.39 -13.12 26.54
C MET B 67 -5.82 -12.45 25.30
N ASN B 68 -4.61 -11.95 25.39
CA ASN B 68 -4.11 -11.08 24.34
C ASN B 68 -3.37 -11.84 23.25
N ASP B 69 -2.44 -12.69 23.62
CA ASP B 69 -1.67 -13.41 22.60
C ASP B 69 -2.35 -14.67 22.13
N VAL B 70 -2.91 -15.47 23.03
CA VAL B 70 -3.50 -16.72 22.57
C VAL B 70 -4.88 -16.47 21.93
N LEU B 71 -5.82 -15.93 22.71
CA LEU B 71 -7.16 -15.75 22.18
C LEU B 71 -7.21 -14.66 21.12
N GLY B 72 -6.41 -13.61 21.28
CA GLY B 72 -6.33 -12.61 20.23
C GLY B 72 -5.91 -13.22 18.88
N SER B 73 -4.84 -14.03 18.88
CA SER B 73 -4.42 -14.71 17.65
C SER B 73 -5.50 -15.64 17.12
N LEU B 74 -6.04 -16.49 17.99
CA LEU B 74 -7.11 -17.43 17.59
C LEU B 74 -8.31 -16.69 16.98
N ALA B 75 -8.71 -15.57 17.57
CA ALA B 75 -9.87 -14.85 17.01
C ALA B 75 -9.56 -14.32 15.61
N SER B 76 -8.35 -13.78 15.39
CA SER B 76 -7.99 -13.32 14.04
C SER B 76 -8.02 -14.48 13.04
N LEU B 77 -7.44 -15.61 13.40
CA LEU B 77 -7.37 -16.75 12.48
C LEU B 77 -8.77 -17.30 12.15
N LYS B 78 -9.64 -17.41 13.15
CA LYS B 78 -10.99 -17.93 12.94
C LYS B 78 -11.81 -16.96 12.10
N HIS B 79 -11.60 -15.67 12.32
CA HIS B 79 -12.34 -14.71 11.50
C HIS B 79 -11.94 -14.83 10.03
N ALA B 80 -10.64 -14.92 9.77
CA ALA B 80 -10.16 -15.09 8.39
C ALA B 80 -10.67 -16.39 7.81
N ARG B 81 -10.61 -17.47 8.57
CA ARG B 81 -11.08 -18.75 8.09
C ARG B 81 -12.55 -18.67 7.70
N ASP B 82 -13.38 -18.06 8.54
CA ASP B 82 -14.82 -18.07 8.34
C ASP B 82 -15.25 -17.07 7.29
N GLN B 83 -14.50 -15.97 7.12
CA GLN B 83 -14.94 -14.88 6.25
C GLN B 83 -14.34 -14.89 4.86
N LEU B 84 -13.25 -15.61 4.61
CA LEU B 84 -12.58 -15.44 3.32
C LEU B 84 -13.40 -15.86 2.11
N PRO B 85 -14.39 -16.77 2.16
CA PRO B 85 -15.20 -17.04 0.95
C PRO B 85 -15.97 -15.83 0.49
N ASN B 86 -16.10 -14.83 1.35
CA ASN B 86 -16.72 -13.56 0.97
C ASN B 86 -15.76 -12.63 0.27
N TRP B 87 -14.47 -12.89 0.39
CA TRP B 87 -13.45 -11.95 -0.10
C TRP B 87 -12.85 -12.41 -1.42
N THR B 88 -12.86 -13.71 -1.74
CA THR B 88 -12.11 -14.16 -2.90
C THR B 88 -12.82 -14.06 -4.25
N PRO B 89 -14.16 -13.92 -4.31
CA PRO B 89 -14.81 -13.87 -5.64
C PRO B 89 -14.32 -12.66 -6.45
N ARG B 90 -14.29 -12.84 -7.76
CA ARG B 90 -13.95 -11.72 -8.61
C ARG B 90 -15.09 -10.69 -8.59
N GLU B 91 -14.73 -9.45 -8.89
CA GLU B 91 -15.67 -8.32 -8.84
C GLU B 91 -15.86 -7.69 -10.22
N PRO B 92 -16.98 -7.94 -10.88
CA PRO B 92 -17.22 -7.26 -12.16
C PRO B 92 -17.20 -5.75 -11.97
N ARG B 93 -16.75 -5.05 -13.00
CA ARG B 93 -16.63 -3.60 -13.00
C ARG B 93 -17.09 -3.08 -14.35
N PRO B 94 -17.57 -1.84 -14.42
CA PRO B 94 -17.86 -1.23 -15.74
C PRO B 94 -16.62 -1.28 -16.60
N SER B 95 -16.80 -1.47 -17.89
CA SER B 95 -15.65 -1.54 -18.79
C SER B 95 -15.41 -0.19 -19.46
N VAL B 96 -14.63 -0.18 -20.55
CA VAL B 96 -14.14 1.07 -21.14
C VAL B 96 -15.15 1.56 -22.16
N ALA B 97 -15.70 2.73 -21.94
CA ALA B 97 -16.60 3.30 -22.96
C ALA B 97 -15.78 3.91 -24.10
N PRO B 98 -16.24 3.81 -25.35
CA PRO B 98 -17.53 3.28 -25.81
C PRO B 98 -17.53 1.80 -26.06
N PHE B 99 -16.41 1.13 -25.77
CA PHE B 99 -16.29 -0.27 -26.17
C PHE B 99 -17.19 -1.20 -25.38
N ASP B 100 -17.64 -0.79 -24.20
CA ASP B 100 -18.65 -1.58 -23.50
C ASP B 100 -20.01 -1.60 -24.20
N SER B 101 -20.27 -0.62 -25.08
CA SER B 101 -21.47 -0.73 -25.92
C SER B 101 -21.31 -1.78 -27.00
N PHE B 102 -20.09 -2.28 -27.21
CA PHE B 102 -19.82 -3.30 -28.21
C PHE B 102 -19.51 -4.65 -27.56
N GLY B 103 -19.80 -4.82 -26.30
CA GLY B 103 -19.63 -6.10 -25.64
C GLY B 103 -18.42 -6.23 -24.72
N ALA B 104 -17.53 -5.23 -24.67
CA ALA B 104 -16.38 -5.34 -23.76
C ALA B 104 -16.85 -5.41 -22.31
N THR B 105 -16.13 -6.18 -21.49
CA THR B 105 -16.43 -6.30 -20.07
C THR B 105 -15.14 -6.15 -19.26
N ALA B 106 -15.27 -6.16 -17.94
CA ALA B 106 -14.11 -6.00 -17.08
C ALA B 106 -14.40 -6.58 -15.70
N TRP B 107 -13.33 -6.86 -14.95
CA TRP B 107 -13.46 -7.27 -13.57
C TRP B 107 -12.12 -7.11 -12.87
N VAL B 108 -12.15 -7.22 -11.56
CA VAL B 108 -10.97 -7.26 -10.71
C VAL B 108 -10.94 -8.64 -10.08
N GLN B 109 -9.80 -9.32 -10.17
CA GLN B 109 -9.65 -10.60 -9.49
C GLN B 109 -8.46 -10.51 -8.55
N TYR B 110 -8.54 -11.21 -7.42
CA TYR B 110 -7.55 -11.16 -6.36
C TYR B 110 -6.74 -12.43 -6.37
N GLN B 111 -5.42 -12.30 -6.30
CA GLN B 111 -4.53 -13.47 -6.32
C GLN B 111 -3.44 -13.23 -5.28
N PRO B 112 -2.93 -14.31 -4.66
CA PRO B 112 -1.85 -14.14 -3.69
C PRO B 112 -0.60 -13.60 -4.34
N LYS B 113 0.18 -12.90 -3.53
CA LYS B 113 1.47 -12.38 -3.97
C LYS B 113 2.56 -13.41 -3.98
N GLY B 114 2.51 -14.39 -3.05
CA GLY B 114 3.52 -15.43 -3.07
C GLY B 114 4.00 -15.79 -1.68
N VAL B 115 5.24 -15.40 -1.36
CA VAL B 115 5.89 -15.73 -0.09
C VAL B 115 6.03 -14.44 0.72
N VAL B 116 5.45 -14.45 1.91
CA VAL B 116 5.41 -13.28 2.79
C VAL B 116 6.26 -13.55 4.04
N GLY B 117 7.13 -12.61 4.37
CA GLY B 117 7.88 -12.65 5.62
C GLY B 117 7.20 -11.79 6.68
N ILE B 118 7.16 -12.30 7.91
CA ILE B 118 6.47 -11.63 9.00
C ILE B 118 7.46 -11.54 10.16
N VAL B 119 7.80 -10.32 10.58
CA VAL B 119 8.75 -10.08 11.68
C VAL B 119 7.93 -9.59 12.86
N GLY B 120 7.93 -10.37 13.96
CA GLY B 120 7.14 -10.01 15.12
C GLY B 120 7.95 -9.24 16.14
N THR B 121 7.28 -8.80 17.17
CA THR B 121 7.97 -8.13 18.25
C THR B 121 7.72 -8.84 19.57
N TRP B 122 8.32 -8.31 20.63
CA TRP B 122 8.31 -9.03 21.91
C TRP B 122 7.15 -8.69 22.82
N ASN B 123 6.45 -7.59 22.60
CA ASN B 123 5.46 -7.18 23.62
C ASN B 123 4.20 -8.00 23.53
N ALA B 124 3.91 -8.52 22.33
CA ALA B 124 2.81 -9.45 22.09
C ALA B 124 3.35 -10.46 21.08
N PRO B 125 4.12 -11.44 21.58
CA PRO B 125 4.99 -12.18 20.68
C PRO B 125 4.27 -13.23 19.85
N LEU B 126 3.06 -13.63 20.23
CA LEU B 126 2.25 -14.43 19.32
C LEU B 126 1.39 -13.54 18.44
N PHE B 127 0.71 -12.55 19.03
CA PHE B 127 -0.25 -11.77 18.26
C PHE B 127 0.42 -11.13 17.07
N THR B 128 1.63 -10.56 17.24
CA THR B 128 2.29 -9.85 16.14
C THR B 128 2.88 -10.79 15.09
N LEU B 129 2.78 -12.10 15.30
CA LEU B 129 3.04 -13.06 14.24
C LEU B 129 1.74 -13.61 13.65
N PHE B 130 0.86 -14.13 14.53
CA PHE B 130 -0.29 -14.89 14.02
C PHE B 130 -1.47 -14.04 13.61
N SER B 131 -1.62 -12.83 14.14
CA SER B 131 -2.74 -12.03 13.65
C SER B 131 -2.46 -11.51 12.23
N PRO B 132 -1.27 -11.00 11.91
CA PRO B 132 -0.97 -10.73 10.48
C PRO B 132 -1.00 -12.00 9.64
N LEU B 133 -0.50 -13.11 10.20
CA LEU B 133 -0.55 -14.38 9.46
C LEU B 133 -1.98 -14.74 9.03
N ALA B 134 -2.97 -14.45 9.86
CA ALA B 134 -4.34 -14.77 9.48
C ALA B 134 -4.72 -14.14 8.14
N SER B 135 -4.39 -12.84 7.97
CA SER B 135 -4.70 -12.17 6.72
C SER B 135 -3.82 -12.69 5.59
N VAL B 136 -2.54 -12.90 5.88
CA VAL B 136 -1.61 -13.46 4.88
C VAL B 136 -2.11 -14.79 4.32
N LEU B 137 -2.52 -15.72 5.19
CA LEU B 137 -2.99 -17.00 4.69
C LEU B 137 -4.35 -16.87 4.03
N ALA B 138 -5.22 -15.99 4.53
CA ALA B 138 -6.52 -15.81 3.88
C ALA B 138 -6.37 -15.38 2.42
N ALA B 139 -5.30 -14.64 2.12
CA ALA B 139 -5.03 -14.20 0.75
C ALA B 139 -4.36 -15.27 -0.11
N GLY B 140 -4.05 -16.44 0.45
CA GLY B 140 -3.47 -17.54 -0.36
C GLY B 140 -1.95 -17.61 -0.40
N ASN B 141 -1.27 -16.89 0.47
CA ASN B 141 0.18 -16.88 0.47
C ASN B 141 0.77 -18.01 1.30
N ARG B 142 2.07 -18.23 1.13
CA ARG B 142 2.89 -18.99 2.09
C ARG B 142 3.69 -17.97 2.92
N ALA B 143 4.22 -18.40 4.07
CA ALA B 143 4.83 -17.42 4.96
C ALA B 143 5.99 -17.98 5.75
N VAL B 144 6.90 -17.09 6.12
CA VAL B 144 7.97 -17.35 7.07
C VAL B 144 7.88 -16.34 8.21
N LEU B 145 7.96 -16.83 9.42
CA LEU B 145 7.83 -16.04 10.64
C LEU B 145 9.19 -15.82 11.29
N LYS B 146 9.43 -14.60 11.82
CA LYS B 146 10.65 -14.30 12.58
C LYS B 146 10.22 -13.78 13.94
N PRO B 147 10.12 -14.63 14.95
CA PRO B 147 9.80 -14.14 16.29
C PRO B 147 10.90 -13.27 16.86
N SER B 148 10.51 -12.46 17.83
CA SER B 148 11.45 -11.58 18.51
C SER B 148 12.38 -12.38 19.40
N GLU B 149 13.66 -12.00 19.35
CA GLU B 149 14.67 -12.62 20.20
C GLU B 149 14.66 -12.09 21.62
N LEU B 150 13.90 -11.03 21.92
CA LEU B 150 13.72 -10.60 23.30
C LEU B 150 12.77 -11.51 24.06
N THR B 151 12.06 -12.40 23.38
CA THR B 151 11.22 -13.43 24.02
C THR B 151 11.73 -14.78 23.52
N PRO B 152 12.91 -15.16 23.95
CA PRO B 152 13.57 -16.32 23.31
C PRO B 152 12.92 -17.66 23.59
N ARG B 153 12.32 -17.86 24.77
CA ARG B 153 11.64 -19.13 25.03
C ARG B 153 10.39 -19.24 24.17
N THR B 154 9.67 -18.13 24.03
CA THR B 154 8.51 -18.10 23.15
C THR B 154 8.93 -18.34 21.71
N ALA B 155 10.00 -17.69 21.26
CA ALA B 155 10.44 -17.90 19.88
C ALA B 155 10.72 -19.36 19.64
N GLU B 156 11.42 -20.00 20.56
CA GLU B 156 11.75 -21.41 20.40
C GLU B 156 10.50 -22.29 20.44
N ALA B 157 9.57 -21.98 21.32
CA ALA B 157 8.34 -22.78 21.39
C ALA B 157 7.53 -22.63 20.11
N VAL B 158 7.48 -21.44 19.55
CA VAL B 158 6.79 -21.22 18.28
C VAL B 158 7.46 -22.01 17.17
N ALA B 159 8.78 -22.00 17.13
CA ALA B 159 9.51 -22.75 16.09
C ALA B 159 9.22 -24.25 16.18
N GLN B 160 9.21 -24.80 17.38
CA GLN B 160 8.98 -26.23 17.53
C GLN B 160 7.53 -26.58 17.20
N ALA B 161 6.59 -25.71 17.61
CA ALA B 161 5.18 -25.99 17.33
C ALA B 161 4.92 -25.98 15.82
N VAL B 162 5.42 -24.94 15.13
CA VAL B 162 5.22 -24.89 13.68
C VAL B 162 5.90 -26.07 12.99
N ALA B 163 7.10 -26.44 13.42
CA ALA B 163 7.77 -27.57 12.79
C ALA B 163 7.00 -28.89 13.01
N ALA B 164 6.30 -29.02 14.14
CA ALA B 164 5.52 -30.22 14.37
C ALA B 164 4.24 -30.26 13.51
N PHE B 165 3.69 -29.12 13.16
CA PHE B 165 2.40 -29.05 12.48
C PHE B 165 2.46 -28.74 10.99
N PHE B 166 3.56 -28.16 10.50
CA PHE B 166 3.61 -27.68 9.13
C PHE B 166 4.89 -28.12 8.43
N ALA B 167 4.75 -28.45 7.14
CA ALA B 167 5.90 -28.56 6.26
C ALA B 167 6.52 -27.18 6.06
N PRO B 168 7.85 -27.07 6.10
CA PRO B 168 8.47 -25.72 5.97
C PRO B 168 8.17 -25.03 4.66
N GLU B 169 7.75 -25.77 3.62
CA GLU B 169 7.42 -25.10 2.37
C GLU B 169 6.09 -24.34 2.46
N GLU B 170 5.30 -24.60 3.49
CA GLU B 170 4.01 -23.96 3.70
C GLU B 170 4.09 -22.86 4.75
N LEU B 171 4.71 -23.15 5.90
CA LEU B 171 4.86 -22.19 6.99
C LEU B 171 6.12 -22.59 7.72
N ALA B 172 7.00 -21.64 7.97
CA ALA B 172 8.28 -21.93 8.62
C ALA B 172 8.60 -20.79 9.59
N VAL B 173 9.53 -21.09 10.49
CA VAL B 173 9.98 -20.14 11.50
C VAL B 173 11.50 -20.05 11.45
N VAL B 174 12.00 -18.84 11.55
CA VAL B 174 13.44 -18.55 11.66
C VAL B 174 13.66 -17.82 12.98
N THR B 175 14.65 -18.23 13.77
CA THR B 175 14.93 -17.52 15.01
C THR B 175 16.37 -17.00 14.99
N GLY B 176 16.60 -15.95 15.77
CA GLY B 176 17.96 -15.45 15.98
C GLY B 176 17.93 -13.97 16.33
N GLY B 177 19.15 -13.42 16.46
CA GLY B 177 19.32 -12.06 16.91
C GLY B 177 19.27 -11.02 15.81
N PRO B 178 19.82 -9.83 16.07
CA PRO B 178 19.73 -8.75 15.07
C PRO B 178 20.38 -9.12 13.75
N ASP B 179 21.44 -9.94 13.78
CA ASP B 179 22.08 -10.34 12.52
C ASP B 179 21.10 -11.13 11.65
N VAL B 180 20.38 -12.09 12.23
CA VAL B 180 19.35 -12.79 11.48
C VAL B 180 18.24 -11.84 11.02
N GLY B 181 17.84 -10.92 11.89
CA GLY B 181 16.79 -9.96 11.52
C GLY B 181 17.18 -9.14 10.30
N ALA B 182 18.46 -8.75 10.22
CA ALA B 182 18.93 -7.97 9.08
C ALA B 182 18.95 -8.82 7.81
N GLU B 183 19.39 -10.08 7.90
CA GLU B 183 19.36 -10.93 6.72
C GLU B 183 17.93 -11.19 6.28
N PHE B 184 17.01 -11.29 7.24
CA PHE B 184 15.60 -11.51 6.95
C PHE B 184 15.03 -10.35 6.16
N ALA B 185 15.28 -9.13 6.61
CA ALA B 185 14.74 -7.95 5.92
C ALA B 185 15.34 -7.75 4.52
N ALA B 186 16.49 -8.37 4.23
CA ALA B 186 17.15 -8.23 2.95
C ALA B 186 16.71 -9.25 1.90
N GLN B 187 15.78 -10.20 2.24
CA GLN B 187 15.40 -11.28 1.30
C GLN B 187 14.36 -10.77 0.30
N PRO B 188 14.32 -11.30 -0.90
CA PRO B 188 13.31 -10.85 -1.88
C PRO B 188 11.94 -11.50 -1.65
N TRP B 189 11.32 -11.20 -0.51
CA TRP B 189 9.93 -11.57 -0.30
C TRP B 189 9.03 -10.98 -1.37
N ASP B 190 7.85 -11.57 -1.52
CA ASP B 190 6.78 -10.93 -2.27
C ASP B 190 6.05 -9.88 -1.46
N HIS B 191 6.19 -9.92 -0.14
CA HIS B 191 5.68 -8.90 0.78
C HIS B 191 6.38 -9.13 2.12
N LEU B 192 6.66 -8.04 2.82
CA LEU B 192 7.27 -8.11 4.14
C LEU B 192 6.44 -7.35 5.16
N VAL B 193 6.09 -8.01 6.26
CA VAL B 193 5.41 -7.42 7.38
C VAL B 193 6.37 -7.23 8.53
N PHE B 194 6.42 -6.01 9.08
CA PHE B 194 7.33 -5.73 10.21
C PHE B 194 6.60 -4.93 11.26
N THR B 195 6.61 -5.38 12.50
CA THR B 195 6.14 -4.60 13.63
C THR B 195 7.32 -4.28 14.53
N GLY B 196 7.48 -3.02 14.91
CA GLY B 196 8.60 -2.65 15.76
C GLY B 196 8.72 -1.14 15.85
N SER B 197 9.91 -0.67 16.23
CA SER B 197 10.06 0.77 16.40
C SER B 197 10.10 1.50 15.05
N THR B 198 9.80 2.81 15.10
CA THR B 198 9.86 3.62 13.89
C THR B 198 11.26 3.63 13.32
N ALA B 199 12.28 3.74 14.19
CA ALA B 199 13.65 3.82 13.69
C ALA B 199 14.04 2.54 12.96
N VAL B 200 13.68 1.38 13.50
CA VAL B 200 14.04 0.14 12.81
C VAL B 200 13.18 -0.04 11.56
N GLY B 201 11.92 0.39 11.60
CA GLY B 201 11.09 0.34 10.42
C GLY B 201 11.68 1.08 9.24
N LYS B 202 12.31 2.24 9.52
CA LYS B 202 13.01 2.96 8.46
C LYS B 202 14.07 2.07 7.81
N ARG B 203 14.85 1.38 8.65
CA ARG B 203 15.93 0.54 8.10
C ARG B 203 15.35 -0.68 7.36
N VAL B 204 14.24 -1.21 7.86
CA VAL B 204 13.53 -2.28 7.14
C VAL B 204 13.09 -1.79 5.77
N MET B 205 12.47 -0.61 5.71
CA MET B 205 12.02 -0.13 4.41
C MET B 205 13.20 0.13 3.48
N GLN B 206 14.32 0.63 4.02
CA GLN B 206 15.52 0.78 3.19
C GLN B 206 15.98 -0.57 2.65
N ALA B 207 15.97 -1.61 3.47
CA ALA B 207 16.39 -2.93 2.99
C ALA B 207 15.45 -3.45 1.92
N ALA B 208 14.13 -3.28 2.14
CA ALA B 208 13.16 -3.75 1.17
C ALA B 208 13.28 -3.06 -0.17
N ALA B 209 13.64 -1.78 -0.19
CA ALA B 209 13.74 -1.05 -1.45
C ALA B 209 14.69 -1.70 -2.41
N GLU B 210 15.77 -2.32 -1.92
CA GLU B 210 16.74 -2.93 -2.82
C GLU B 210 16.12 -4.01 -3.69
N ASN B 211 15.06 -4.68 -3.23
CA ASN B 211 14.39 -5.68 -4.04
C ASN B 211 12.96 -5.29 -4.46
N LEU B 212 12.59 -4.02 -4.29
CA LEU B 212 11.21 -3.53 -4.49
C LEU B 212 10.19 -4.40 -3.77
N VAL B 213 10.47 -4.72 -2.51
CA VAL B 213 9.59 -5.52 -1.67
C VAL B 213 8.55 -4.61 -1.05
N PRO B 214 7.26 -4.81 -1.30
CA PRO B 214 6.24 -4.01 -0.61
C PRO B 214 6.19 -4.38 0.85
N VAL B 215 5.89 -3.38 1.68
CA VAL B 215 6.01 -3.54 3.12
C VAL B 215 4.74 -3.12 3.82
N THR B 216 4.43 -3.83 4.90
CA THR B 216 3.48 -3.41 5.91
C THR B 216 4.30 -3.10 7.16
N LEU B 217 4.33 -1.86 7.58
CA LEU B 217 5.20 -1.39 8.64
C LEU B 217 4.25 -0.91 9.73
N GLU B 218 4.27 -1.61 10.85
CA GLU B 218 3.45 -1.29 12.03
C GLU B 218 4.41 -0.74 13.08
N LEU B 219 4.42 0.58 13.26
CA LEU B 219 5.50 1.20 14.01
C LEU B 219 4.94 1.93 15.24
N GLY B 220 5.60 3.01 15.63
CA GLY B 220 5.31 3.60 16.91
C GLY B 220 5.10 5.09 16.86
N GLY B 221 5.21 5.69 18.03
CA GLY B 221 4.82 7.08 18.22
C GLY B 221 4.38 7.28 19.67
N LYS B 222 3.84 8.45 19.93
CA LYS B 222 3.28 8.82 21.25
C LYS B 222 1.77 9.01 21.10
N SER B 223 1.00 7.97 21.47
CA SER B 223 -0.45 8.01 21.30
C SER B 223 -1.09 8.95 22.30
N PRO B 224 -1.78 10.01 21.84
CA PRO B 224 -2.35 10.95 22.78
C PRO B 224 -3.80 10.66 23.12
N VAL B 225 -4.18 11.07 24.33
CA VAL B 225 -5.54 11.10 24.81
C VAL B 225 -5.98 12.55 24.96
N LEU B 226 -7.06 12.92 24.29
CA LEU B 226 -7.65 14.24 24.51
C LEU B 226 -8.83 14.10 25.45
N LEU B 227 -8.75 14.72 26.64
CA LEU B 227 -9.84 14.74 27.59
C LEU B 227 -10.66 16.01 27.39
N SER B 228 -11.82 15.88 26.75
CA SER B 228 -12.72 17.02 26.63
C SER B 228 -12.93 17.63 28.00
N PRO B 229 -12.97 18.95 28.11
CA PRO B 229 -13.38 19.55 29.39
C PRO B 229 -14.80 19.14 29.84
N GLY B 230 -15.63 18.61 28.96
CA GLY B 230 -16.93 18.10 29.37
C GLY B 230 -16.96 16.62 29.68
N ALA B 231 -15.81 15.96 29.67
CA ALA B 231 -15.79 14.51 29.86
C ALA B 231 -16.04 14.16 31.33
N ASP B 232 -16.64 12.98 31.52
CA ASP B 232 -16.74 12.36 32.85
C ASP B 232 -15.35 11.91 33.26
N LEU B 233 -14.74 12.63 34.21
CA LEU B 233 -13.32 12.42 34.47
C LEU B 233 -13.03 11.12 35.18
N ARG B 234 -13.94 10.68 36.04
CA ARG B 234 -13.75 9.42 36.77
C ARG B 234 -13.87 8.24 35.81
N ASN B 235 -14.87 8.26 34.92
CA ASN B 235 -14.99 7.21 33.91
C ASN B 235 -13.75 7.21 33.00
N ALA B 236 -13.24 8.40 32.67
CA ALA B 236 -12.07 8.41 31.80
C ALA B 236 -10.85 7.88 32.56
N ALA B 237 -10.70 8.26 33.82
CA ALA B 237 -9.56 7.76 34.60
C ALA B 237 -9.62 6.24 34.73
N GLU B 238 -10.80 5.70 34.94
CA GLU B 238 -10.94 4.26 35.04
C GLU B 238 -10.54 3.56 33.75
N ARG B 239 -11.07 4.02 32.62
CA ARG B 239 -10.76 3.34 31.37
C ARG B 239 -9.28 3.52 31.00
N ILE B 240 -8.71 4.70 31.27
CA ILE B 240 -7.30 4.94 30.92
C ILE B 240 -6.39 4.13 31.83
N ALA B 241 -6.71 4.06 33.13
CA ALA B 241 -5.92 3.22 34.04
C ALA B 241 -5.91 1.76 33.59
N VAL B 242 -7.07 1.23 33.19
CA VAL B 242 -7.12 -0.15 32.76
C VAL B 242 -6.27 -0.35 31.51
N GLY B 243 -6.44 0.52 30.51
CA GLY B 243 -5.68 0.33 29.28
C GLY B 243 -4.19 0.64 29.43
N LYS B 244 -3.84 1.62 30.25
CA LYS B 244 -2.42 1.94 30.43
C LYS B 244 -1.69 0.86 31.25
N SER B 245 -2.35 0.24 32.21
CA SER B 245 -1.68 -0.77 33.02
C SER B 245 -1.58 -2.11 32.30
N SER B 246 -2.33 -2.31 31.22
CA SER B 246 -2.22 -3.55 30.44
C SER B 246 -0.80 -3.75 29.95
N ASN B 247 -0.17 -4.90 30.29
CA ASN B 247 1.23 -5.13 29.89
C ASN B 247 2.19 -4.06 30.40
N SER B 248 1.83 -3.41 31.51
CA SER B 248 2.60 -2.31 32.07
C SER B 248 2.99 -1.25 31.02
N GLY B 249 2.05 -0.93 30.12
CA GLY B 249 2.28 0.12 29.15
C GLY B 249 2.98 -0.33 27.90
N GLN B 250 3.36 -1.62 27.82
CA GLN B 250 4.12 -2.14 26.69
C GLN B 250 3.15 -2.61 25.60
N LEU B 251 2.44 -1.64 25.06
CA LEU B 251 1.50 -1.84 23.97
C LEU B 251 1.71 -0.71 22.96
N VAL B 253 -0.42 0.75 21.22
CA VAL B 253 -1.50 1.72 21.30
C VAL B 253 -1.76 2.24 22.75
N ALA B 254 -0.81 1.98 23.64
CA ALA B 254 -0.98 2.43 25.01
C ALA B 254 -1.08 3.96 25.05
N PRO B 255 -1.92 4.51 25.93
CA PRO B 255 -1.90 5.98 26.14
C PRO B 255 -0.51 6.39 26.62
N ASP B 256 0.06 7.34 25.93
CA ASP B 256 1.40 7.83 26.19
C ASP B 256 1.40 9.26 26.70
N VAL B 257 0.60 10.14 26.07
CA VAL B 257 0.40 11.51 26.54
C VAL B 257 -1.10 11.70 26.75
N VAL B 258 -1.49 12.26 27.90
CA VAL B 258 -2.88 12.65 28.16
C VAL B 258 -2.93 14.17 28.24
N TRP B 259 -3.88 14.76 27.49
CA TRP B 259 -4.11 16.20 27.49
C TRP B 259 -5.33 16.50 28.31
N VAL B 260 -5.16 17.36 29.32
CA VAL B 260 -6.24 17.67 30.26
C VAL B 260 -6.29 19.17 30.49
N HIS B 261 -7.50 19.71 30.63
CA HIS B 261 -7.61 21.12 30.99
C HIS B 261 -6.90 21.37 32.32
N GLU B 262 -6.20 22.52 32.40
CA GLU B 262 -5.42 22.84 33.59
C GLU B 262 -6.23 22.67 34.87
N SER B 263 -7.50 23.05 34.83
CA SER B 263 -8.33 23.04 36.03
C SER B 263 -8.76 21.64 36.43
N GLN B 264 -8.53 20.65 35.60
CA GLN B 264 -9.02 19.30 35.85
C GLN B 264 -7.89 18.31 36.08
N ALA B 265 -6.64 18.78 36.04
CA ALA B 265 -5.51 17.85 36.10
C ALA B 265 -5.48 17.14 37.46
N GLN B 266 -5.71 17.89 38.53
CA GLN B 266 -5.63 17.29 39.85
C GLN B 266 -6.73 16.27 40.05
N ALA B 267 -7.98 16.63 39.68
CA ALA B 267 -9.07 15.66 39.83
C ALA B 267 -8.79 14.39 39.02
N PHE B 268 -8.22 14.53 37.82
CA PHE B 268 -7.98 13.37 36.99
C PHE B 268 -6.92 12.47 37.62
N VAL B 269 -5.83 13.07 38.12
CA VAL B 269 -4.74 12.27 38.68
C VAL B 269 -5.19 11.57 39.97
N GLU B 270 -6.00 12.23 40.77
CA GLU B 270 -6.52 11.60 41.95
C GLU B 270 -7.43 10.43 41.61
N ALA B 271 -8.23 10.58 40.56
CA ALA B 271 -9.11 9.48 40.16
C ALA B 271 -8.28 8.32 39.62
N LEU B 272 -7.25 8.64 38.80
CA LEU B 272 -6.40 7.61 38.25
C LEU B 272 -5.70 6.81 39.36
N ASP B 273 -5.22 7.50 40.41
CA ASP B 273 -4.60 6.82 41.53
C ASP B 273 -5.58 5.88 42.23
N GLU B 274 -6.79 6.37 42.51
CA GLU B 274 -7.74 5.53 43.21
C GLU B 274 -8.06 4.28 42.41
N VAL B 275 -8.25 4.42 41.10
CA VAL B 275 -8.51 3.24 40.25
C VAL B 275 -7.32 2.28 40.27
N TRP B 276 -6.11 2.83 40.08
CA TRP B 276 -4.93 1.98 39.94
C TRP B 276 -4.69 1.19 41.21
N ARG B 277 -4.87 1.82 42.38
CA ARG B 277 -4.72 1.11 43.65
C ARG B 277 -5.75 0.01 43.80
N GLY B 278 -6.94 0.16 43.19
CA GLY B 278 -7.93 -0.89 43.26
C GLY B 278 -7.58 -2.05 42.37
N LEU B 279 -6.96 -1.76 41.22
CA LEU B 279 -6.54 -2.81 40.29
C LEU B 279 -5.36 -3.61 40.82
N PHE B 280 -4.41 -2.91 41.49
CA PHE B 280 -3.15 -3.49 41.95
C PHE B 280 -2.93 -3.08 43.41
N PRO B 281 -3.57 -3.77 44.36
CA PRO B 281 -3.43 -3.40 45.77
C PRO B 281 -2.01 -3.49 46.26
N THR B 282 -1.21 -4.36 45.63
CA THR B 282 0.22 -4.41 45.84
C THR B 282 0.85 -4.40 44.47
N ILE B 283 2.15 -4.07 44.43
CA ILE B 283 2.87 -4.01 43.17
C ILE B 283 3.98 -5.05 43.21
N ALA B 284 4.92 -4.92 44.14
CA ALA B 284 5.94 -5.95 44.29
C ALA B 284 5.33 -7.30 44.61
N GLY B 285 5.81 -8.35 43.95
CA GLY B 285 5.30 -9.69 44.17
C GLY B 285 3.92 -9.97 43.60
N ASN B 286 3.31 -8.99 42.93
CA ASN B 286 1.96 -9.12 42.41
C ASN B 286 2.06 -9.70 41.00
N ARG B 287 1.69 -10.98 40.86
CA ARG B 287 1.77 -11.63 39.56
C ARG B 287 0.87 -10.99 38.51
N ASP B 288 -0.10 -10.16 38.92
CA ASP B 288 -0.90 -9.45 37.91
C ASP B 288 -0.13 -8.29 37.25
N VAL B 289 0.97 -7.83 37.85
CA VAL B 289 1.71 -6.70 37.29
C VAL B 289 2.74 -7.23 36.32
N VAL B 290 2.59 -6.89 35.04
CA VAL B 290 3.54 -7.36 34.04
C VAL B 290 4.88 -6.64 34.22
N PRO B 291 5.99 -7.33 34.40
CA PRO B 291 7.28 -6.64 34.42
C PRO B 291 7.62 -5.96 33.10
N VAL B 292 8.42 -4.90 33.18
CA VAL B 292 9.12 -4.44 31.99
C VAL B 292 9.98 -5.62 31.53
N VAL B 293 10.04 -5.83 30.21
CA VAL B 293 10.42 -7.14 29.70
C VAL B 293 11.85 -7.51 30.11
N ASN B 294 12.76 -6.53 30.18
CA ASN B 294 14.15 -6.84 30.57
C ASN B 294 14.78 -5.60 31.17
N GLU B 295 16.01 -5.76 31.66
CA GLU B 295 16.65 -4.68 32.40
C GLU B 295 17.01 -3.52 31.49
N ARG B 296 17.30 -3.79 30.22
CA ARG B 296 17.59 -2.71 29.26
C ARG B 296 16.40 -1.78 29.10
N HIS B 297 15.21 -2.34 28.86
CA HIS B 297 14.04 -1.49 28.70
C HIS B 297 13.62 -0.86 30.01
N PHE B 298 13.89 -1.52 31.12
CA PHE B 298 13.57 -0.94 32.41
C PHE B 298 14.42 0.30 32.66
N ALA B 299 15.72 0.19 32.38
CA ALA B 299 16.60 1.35 32.51
C ALA B 299 16.19 2.47 31.55
N ARG B 300 15.75 2.10 30.35
CA ARG B 300 15.29 3.10 29.38
C ARG B 300 14.12 3.89 29.92
N VAL B 301 13.08 3.19 30.33
CA VAL B 301 11.89 3.86 30.83
C VAL B 301 12.22 4.69 32.06
N GLU B 302 12.98 4.13 33.00
CA GLU B 302 13.27 4.88 34.22
C GLU B 302 14.12 6.12 33.93
N SER B 303 14.99 6.06 32.93
CA SER B 303 15.78 7.23 32.60
C SER B 303 14.92 8.35 32.01
N TYR B 304 13.82 8.01 31.32
CA TYR B 304 12.96 9.07 30.81
C TYR B 304 12.35 9.81 31.98
N VAL B 305 11.93 9.07 33.01
CA VAL B 305 11.34 9.69 34.17
C VAL B 305 12.35 10.56 34.87
N ALA B 306 13.56 10.02 35.10
CA ALA B 306 14.58 10.77 35.82
C ALA B 306 14.97 12.04 35.04
N ASP B 307 15.20 11.89 33.75
CA ASP B 307 15.60 13.02 32.90
C ASP B 307 14.55 14.13 32.94
N ALA B 308 13.27 13.77 32.98
CA ALA B 308 12.21 14.78 33.00
C ALA B 308 12.22 15.53 34.32
N ALA B 309 12.35 14.80 35.44
CA ALA B 309 12.40 15.49 36.72
C ALA B 309 13.65 16.38 36.81
N GLU B 310 14.79 15.89 36.31
CA GLU B 310 16.01 16.70 36.37
C GLU B 310 15.83 18.02 35.62
N ARG B 311 15.01 18.02 34.58
CA ARG B 311 14.73 19.22 33.79
C ARG B 311 13.57 20.05 34.35
N GLY B 312 13.06 19.71 35.54
CA GLY B 312 12.08 20.52 36.24
C GLY B 312 10.65 20.02 36.16
N ALA B 313 10.40 18.92 35.50
CA ALA B 313 9.02 18.45 35.37
C ALA B 313 8.56 17.80 36.68
N ARG B 314 7.38 18.15 37.12
CA ARG B 314 6.78 17.52 38.29
C ARG B 314 6.47 16.06 37.95
N VAL B 315 6.85 15.16 38.85
CA VAL B 315 6.53 13.73 38.70
C VAL B 315 5.67 13.27 39.88
N LEU B 316 4.51 12.68 39.58
CA LEU B 316 3.54 12.25 40.58
C LEU B 316 3.47 10.73 40.60
N LEU B 317 3.28 10.16 41.77
CA LEU B 317 3.14 8.72 41.90
C LEU B 317 1.66 8.35 41.83
N VAL B 318 1.34 7.38 40.99
CA VAL B 318 -0.04 6.92 40.83
C VAL B 318 -0.08 5.42 41.06
N GLY B 319 -0.91 4.99 41.99
CA GLY B 319 -1.16 3.57 42.13
C GLY B 319 -0.30 2.84 43.12
N GLY B 320 0.60 3.52 43.79
CA GLY B 320 1.40 2.90 44.82
C GLY B 320 2.74 3.60 44.94
N TRP B 321 3.62 3.00 45.74
CA TRP B 321 4.94 3.51 46.03
C TRP B 321 6.02 2.56 45.55
N PRO B 322 7.08 3.06 44.93
CA PRO B 322 8.15 2.16 44.48
C PRO B 322 8.82 1.53 45.69
N SER B 323 9.37 0.33 45.47
CA SER B 323 10.08 -0.41 46.51
C SER B 323 11.28 -1.08 45.88
N ALA B 324 12.20 -1.49 46.73
CA ALA B 324 13.39 -2.23 46.30
C ALA B 324 13.01 -3.55 45.63
N GLN B 325 12.08 -4.28 46.24
CA GLN B 325 11.63 -5.53 45.61
C GLN B 325 10.97 -5.26 44.27
N GLY B 326 10.08 -4.25 44.21
CA GLY B 326 9.44 -3.90 42.93
C GLY B 326 10.46 -3.54 41.86
N THR B 327 11.46 -2.75 42.23
CA THR B 327 12.52 -2.42 41.28
C THR B 327 13.23 -3.67 40.78
N ALA B 328 13.58 -4.58 41.68
CA ALA B 328 14.28 -5.78 41.25
C ALA B 328 13.40 -6.63 40.31
N GLU B 329 12.09 -6.61 40.50
CA GLU B 329 11.18 -7.37 39.63
C GLU B 329 10.83 -6.61 38.36
N ARG B 330 11.21 -5.34 38.28
CA ARG B 330 10.83 -4.45 37.18
C ARG B 330 9.33 -4.20 37.17
N ARG B 331 8.71 -4.17 38.36
CA ARG B 331 7.31 -3.88 38.54
C ARG B 331 7.18 -2.54 39.25
N MET B 332 6.48 -1.61 38.63
CA MET B 332 6.43 -0.22 39.09
C MET B 332 4.99 0.30 39.15
N PRO B 333 4.70 1.22 40.07
CA PRO B 333 3.50 2.04 39.93
C PRO B 333 3.65 2.95 38.73
N LEU B 334 2.56 3.63 38.39
CA LEU B 334 2.61 4.57 37.28
C LEU B 334 3.27 5.85 37.74
N ARG B 335 4.15 6.41 36.90
CA ARG B 335 4.69 7.73 37.17
C ARG B 335 4.08 8.69 36.15
N VAL B 336 3.42 9.73 36.63
CA VAL B 336 2.83 10.75 35.76
C VAL B 336 3.77 11.95 35.74
N VAL B 337 4.25 12.31 34.54
CA VAL B 337 5.19 13.41 34.34
C VAL B 337 4.42 14.58 33.75
N MET B 338 4.38 15.71 34.48
CA MET B 338 3.56 16.85 34.11
CA MET B 338 3.56 16.83 34.09
C MET B 338 4.34 17.80 33.23
N ASN B 339 3.80 18.11 32.06
CA ASN B 339 4.26 19.21 31.22
C ASN B 339 5.78 19.23 31.00
N PRO B 340 6.37 18.12 30.56
CA PRO B 340 7.83 18.08 30.46
C PRO B 340 8.28 18.94 29.30
N PRO B 341 9.50 19.43 29.34
CA PRO B 341 9.96 20.30 28.27
C PRO B 341 10.15 19.51 26.98
N ALA B 342 10.00 20.22 25.85
CA ALA B 342 10.02 19.58 24.56
C ALA B 342 11.33 18.90 24.24
N ASP B 343 12.45 19.34 24.85
CA ASP B 343 13.76 18.71 24.65
C ASP B 343 14.04 17.55 25.61
N SER B 344 13.10 17.22 26.49
CA SER B 344 13.29 16.12 27.43
C SER B 344 13.20 14.81 26.65
N GLU B 345 13.85 13.77 27.16
CA GLU B 345 13.76 12.46 26.51
C GLU B 345 12.32 11.96 26.45
N ILE B 346 11.54 12.15 27.52
CA ILE B 346 10.19 11.59 27.53
C ILE B 346 9.24 12.35 26.60
N ALA B 347 9.61 13.55 26.18
CA ALA B 347 8.77 14.27 25.21
C ALA B 347 9.04 13.84 23.80
N ARG B 348 10.21 13.26 23.56
CA ARG B 348 10.71 12.91 22.25
C ARG B 348 10.66 11.43 21.96
N HIS B 349 10.37 10.57 22.94
CA HIS B 349 10.44 9.14 22.69
C HIS B 349 9.16 8.47 23.17
N GLU B 350 8.82 7.38 22.51
CA GLU B 350 7.71 6.50 22.92
C GLU B 350 8.07 5.84 24.26
N ILE B 351 7.19 5.98 25.23
CA ILE B 351 7.49 5.49 26.57
C ILE B 351 7.48 3.97 26.61
N PHE B 352 6.37 3.36 26.21
CA PHE B 352 6.26 1.90 26.16
C PHE B 352 6.60 1.30 27.53
N GLY B 353 5.94 1.82 28.57
CA GLY B 353 6.15 1.33 29.92
C GLY B 353 5.36 2.10 30.93
N PRO B 354 5.64 1.88 32.21
CA PRO B 354 4.79 2.42 33.30
C PRO B 354 5.08 3.88 33.67
N ALA B 355 4.95 4.75 32.67
CA ALA B 355 5.00 6.18 32.89
C ALA B 355 4.09 6.81 31.85
N LEU B 356 3.65 8.03 32.14
CA LEU B 356 2.65 8.72 31.32
C LEU B 356 2.99 10.19 31.39
N VAL B 357 2.91 10.89 30.25
CA VAL B 357 3.02 12.35 30.23
C VAL B 357 1.62 12.94 30.39
N LEU B 358 1.48 13.91 31.30
CA LEU B 358 0.22 14.64 31.45
C LEU B 358 0.51 16.08 31.08
N ASN B 359 -0.04 16.54 29.95
CA ASN B 359 0.12 17.92 29.49
C ASN B 359 -1.19 18.68 29.71
N THR B 360 -1.12 19.91 30.18
CA THR B 360 -2.34 20.68 30.40
C THR B 360 -2.56 21.67 29.25
N PHE B 361 -3.83 22.03 29.07
CA PHE B 361 -4.19 23.03 28.06
C PHE B 361 -5.21 23.98 28.67
N ARG B 362 -5.33 25.16 28.05
CA ARG B 362 -6.42 26.06 28.38
C ARG B 362 -7.57 26.00 27.38
N GLU B 363 -7.27 25.71 26.12
CA GLU B 363 -8.27 25.56 25.05
C GLU B 363 -7.90 24.28 24.33
N LEU B 364 -8.89 23.44 24.06
CA LEU B 364 -8.60 22.14 23.47
C LEU B 364 -7.82 22.25 22.17
N PRO B 365 -8.06 23.25 21.31
CA PRO B 365 -7.28 23.34 20.07
C PRO B 365 -5.79 23.46 20.30
N GLN B 366 -5.35 23.97 21.47
CA GLN B 366 -3.93 23.97 21.80
C GLN B 366 -3.35 22.56 21.78
N ALA B 367 -4.07 21.59 22.35
CA ALA B 367 -3.61 20.21 22.38
C ALA B 367 -3.54 19.63 20.96
N VAL B 368 -4.57 19.86 20.16
CA VAL B 368 -4.54 19.39 18.78
C VAL B 368 -3.37 19.98 18.03
N ALA B 369 -3.12 21.26 18.21
CA ALA B 369 -2.01 21.91 17.51
C ALA B 369 -0.69 21.25 17.86
N ALA B 370 -0.52 20.91 19.15
CA ALA B 370 0.73 20.26 19.57
C ALA B 370 0.85 18.86 19.01
N ILE B 371 -0.24 18.13 19.00
CA ILE B 371 -0.25 16.80 18.41
C ILE B 371 0.16 16.90 16.95
N ASN B 372 -0.43 17.84 16.23
CA ASN B 372 -0.17 18.00 14.82
C ASN B 372 1.25 18.47 14.54
N ALA B 373 1.90 19.10 15.49
CA ALA B 373 3.30 19.50 15.35
C ALA B 373 4.27 18.35 15.57
N GLY B 374 3.84 17.27 16.19
CA GLY B 374 4.65 16.06 16.28
C GLY B 374 4.34 15.07 15.18
N GLU B 375 4.89 13.86 15.32
CA GLU B 375 4.63 12.80 14.33
C GLU B 375 3.26 12.17 14.55
N ARG B 376 2.68 11.61 13.47
CA ARG B 376 1.33 11.07 13.50
C ARG B 376 1.30 9.77 14.27
N PRO B 377 0.53 9.66 15.32
CA PRO B 377 0.60 8.48 16.20
C PRO B 377 -0.21 7.30 15.67
N LEU B 378 0.12 6.13 16.18
CA LEU B 378 -0.58 4.91 15.78
C LEU B 378 -2.02 4.93 16.26
N ALA B 379 -2.24 5.54 17.43
CA ALA B 379 -3.57 5.65 18.01
C ALA B 379 -3.76 7.05 18.56
N LEU B 380 -5.01 7.49 18.57
CA LEU B 380 -5.45 8.72 19.19
C LEU B 380 -6.77 8.44 19.89
N TYR B 381 -6.93 9.02 21.06
CA TYR B 381 -8.11 8.80 21.88
C TYR B 381 -8.78 10.11 22.26
N TYR B 382 -10.12 10.11 22.27
CA TYR B 382 -10.92 11.25 22.73
C TYR B 382 -11.93 10.76 23.74
N PHE B 383 -12.02 11.43 24.86
CA PHE B 383 -13.07 11.25 25.86
C PHE B 383 -13.95 12.50 25.90
N GLY B 384 -15.25 12.29 25.78
CA GLY B 384 -16.20 13.40 25.84
C GLY B 384 -17.56 12.95 25.35
N SER B 385 -18.51 13.87 25.45
CA SER B 385 -19.87 13.59 25.05
C SER B 385 -20.39 14.60 24.03
N ASP B 386 -19.58 15.55 23.61
CA ASP B 386 -20.00 16.61 22.66
C ASP B 386 -19.69 16.09 21.26
N GLU B 387 -20.74 15.78 20.50
CA GLU B 387 -20.53 15.17 19.20
C GLU B 387 -19.76 16.11 18.26
N ALA B 388 -20.05 17.42 18.33
CA ALA B 388 -19.40 18.37 17.41
C ALA B 388 -17.91 18.47 17.73
N GLU B 389 -17.57 18.48 19.02
CA GLU B 389 -16.18 18.57 19.42
C GLU B 389 -15.44 17.30 19.03
N GLN B 390 -16.06 16.16 19.24
CA GLN B 390 -15.48 14.89 18.80
C GLN B 390 -15.19 14.94 17.30
N ARG B 391 -16.14 15.43 16.51
CA ARG B 391 -15.94 15.47 15.07
C ARG B 391 -14.79 16.41 14.72
N TRP B 392 -14.77 17.59 15.34
CA TRP B 392 -13.69 18.55 15.09
C TRP B 392 -12.32 17.93 15.40
N VAL B 393 -12.20 17.24 16.53
CA VAL B 393 -10.93 16.63 16.88
C VAL B 393 -10.49 15.64 15.80
N LEU B 394 -11.39 14.76 15.39
CA LEU B 394 -10.97 13.75 14.41
C LEU B 394 -10.66 14.37 13.06
N GLU B 395 -11.42 15.39 12.67
CA GLU B 395 -11.19 16.04 11.38
C GLU B 395 -9.86 16.78 11.35
N HIS B 396 -9.42 17.31 12.49
CA HIS B 396 -8.18 18.08 12.51
C HIS B 396 -6.98 17.31 13.02
N THR B 397 -7.08 15.98 13.10
CA THR B 397 -5.92 15.17 13.45
C THR B 397 -5.84 14.00 12.48
N LEU B 398 -4.73 13.28 12.52
CA LEU B 398 -4.64 12.01 11.82
C LEU B 398 -3.80 11.06 12.66
N SER B 399 -4.30 9.83 12.80
CA SER B 399 -3.69 8.77 13.56
C SER B 399 -4.00 7.46 12.85
N GLY B 400 -3.23 6.41 13.18
CA GLY B 400 -3.55 5.10 12.64
C GLY B 400 -5.01 4.72 12.82
N GLY B 401 -5.41 4.70 14.09
CA GLY B 401 -6.74 4.33 14.49
C GLY B 401 -7.14 5.17 15.70
N VAL B 402 -8.40 4.97 16.15
CA VAL B 402 -8.97 5.79 17.22
C VAL B 402 -9.83 4.93 18.11
N SER B 403 -9.83 5.25 19.42
CA SER B 403 -10.94 4.85 20.29
C SER B 403 -11.52 6.07 20.95
N ILE B 404 -12.84 6.08 21.03
CA ILE B 404 -13.63 7.13 21.64
CA ILE B 404 -13.63 7.13 21.64
C ILE B 404 -14.19 6.63 22.96
N ASN B 405 -13.91 7.34 24.04
CA ASN B 405 -14.37 7.01 25.39
C ASN B 405 -13.86 5.66 25.87
N ASP B 406 -12.75 5.23 25.30
CA ASP B 406 -11.94 4.13 25.82
C ASP B 406 -10.58 4.23 25.16
N VAL B 407 -9.66 3.36 25.57
CA VAL B 407 -8.32 3.28 25.01
C VAL B 407 -8.03 1.81 24.69
N CYS B 408 -7.19 1.59 23.69
CA CYS B 408 -6.59 0.30 23.32
C CYS B 408 -7.58 -0.70 22.73
N MET B 409 -8.77 -0.27 22.32
CA MET B 409 -9.79 -1.24 21.91
C MET B 409 -9.83 -1.46 20.39
N HIS B 410 -9.53 -0.45 19.59
CA HIS B 410 -9.77 -0.57 18.15
C HIS B 410 -8.92 -1.64 17.45
N PRO B 411 -7.72 -2.03 17.93
CA PRO B 411 -7.01 -3.14 17.25
C PRO B 411 -7.71 -4.47 17.38
N ALA B 412 -8.64 -4.62 18.34
CA ALA B 412 -9.42 -5.83 18.50
C ALA B 412 -10.58 -5.95 17.52
N LEU B 413 -10.83 -4.93 16.70
CA LEU B 413 -11.83 -5.01 15.65
C LEU B 413 -11.39 -5.99 14.56
N HIS B 414 -12.17 -7.04 14.34
CA HIS B 414 -11.83 -8.01 13.30
C HIS B 414 -12.17 -7.48 11.91
N ASP B 415 -13.15 -6.57 11.77
CA ASP B 415 -13.60 -6.16 10.45
C ASP B 415 -13.24 -4.72 10.14
N ALA B 416 -12.09 -4.26 10.63
CA ALA B 416 -11.58 -2.94 10.32
C ALA B 416 -10.07 -3.01 10.27
N PRO B 417 -9.43 -2.23 9.44
CA PRO B 417 -7.96 -2.31 9.34
C PRO B 417 -7.29 -1.86 10.63
N PHE B 418 -6.11 -2.44 10.87
CA PHE B 418 -5.23 -2.02 11.96
C PHE B 418 -3.87 -1.65 11.36
N GLY B 419 -3.47 -0.40 11.54
CA GLY B 419 -2.13 0.02 11.13
C GLY B 419 -1.97 1.51 11.33
N GLY B 420 -0.80 1.98 10.91
CA GLY B 420 -0.37 3.33 11.19
C GLY B 420 -0.47 4.25 9.98
N ILE B 421 0.10 5.43 10.15
CA ILE B 421 0.16 6.50 9.13
C ILE B 421 1.39 7.33 9.48
N GLY B 422 2.11 7.82 8.45
CA GLY B 422 3.28 8.65 8.73
C GLY B 422 4.32 7.81 9.52
N ALA B 423 4.89 8.41 10.54
CA ALA B 423 5.94 7.75 11.31
C ALA B 423 5.42 6.52 12.07
N SER B 424 4.12 6.38 12.29
CA SER B 424 3.59 5.18 12.93
C SER B 424 3.35 4.02 11.95
N GLY B 425 3.58 4.24 10.63
CA GLY B 425 3.71 3.14 9.72
C GLY B 425 2.91 3.31 8.44
N MET B 426 2.87 2.25 7.64
CA MET B 426 2.12 2.22 6.40
C MET B 426 1.58 0.81 6.18
N GLY B 427 0.42 0.71 5.58
CA GLY B 427 -0.19 -0.60 5.34
C GLY B 427 -1.00 -1.03 6.54
N ARG B 428 -1.56 -2.23 6.45
CA ARG B 428 -2.53 -2.64 7.49
C ARG B 428 -2.79 -4.13 7.41
N TYR B 429 -3.31 -4.67 8.51
CA TYR B 429 -3.92 -6.01 8.45
C TYR B 429 -5.21 -6.01 9.29
N HIS B 430 -5.88 -7.17 9.29
CA HIS B 430 -7.22 -7.47 9.84
C HIS B 430 -8.30 -7.24 8.78
N GLY B 431 -9.25 -8.16 8.73
CA GLY B 431 -10.47 -7.95 7.96
C GLY B 431 -10.27 -8.04 6.46
N ARG B 432 -11.27 -7.52 5.72
CA ARG B 432 -11.13 -7.54 4.27
C ARG B 432 -9.93 -6.70 3.84
N GLU B 433 -9.69 -5.60 4.53
CA GLU B 433 -8.53 -4.76 4.24
C GLU B 433 -7.22 -5.55 4.34
N GLY B 434 -7.09 -6.40 5.37
CA GLY B 434 -5.89 -7.25 5.49
C GLY B 434 -5.78 -8.27 4.37
N PHE B 435 -6.91 -8.90 4.01
CA PHE B 435 -6.92 -9.76 2.83
C PHE B 435 -6.37 -9.02 1.60
N LEU B 436 -6.87 -7.80 1.38
CA LEU B 436 -6.46 -7.01 0.22
C LEU B 436 -4.98 -6.60 0.30
N GLU B 437 -4.48 -6.38 1.53
CA GLU B 437 -3.07 -6.03 1.73
C GLU B 437 -2.13 -7.08 1.11
N PHE B 438 -2.46 -8.36 1.26
CA PHE B 438 -1.58 -9.44 0.88
C PHE B 438 -2.00 -10.11 -0.38
N SER B 439 -2.92 -9.49 -1.09
CA SER B 439 -3.39 -9.90 -2.40
C SER B 439 -2.88 -8.88 -3.42
N HIS B 440 -2.76 -9.34 -4.64
CA HIS B 440 -2.73 -8.43 -5.78
C HIS B 440 -4.12 -8.32 -6.41
N ALA B 441 -4.58 -7.10 -6.57
CA ALA B 441 -5.85 -6.78 -7.20
C ALA B 441 -5.56 -6.58 -8.69
N ARG B 442 -5.91 -7.57 -9.48
CA ARG B 442 -5.54 -7.64 -10.89
C ARG B 442 -6.73 -7.25 -11.75
N SER B 443 -6.64 -6.08 -12.37
CA SER B 443 -7.70 -5.64 -13.28
C SER B 443 -7.62 -6.33 -14.62
N VAL B 444 -8.78 -6.73 -15.14
CA VAL B 444 -8.90 -7.47 -16.39
C VAL B 444 -9.94 -6.78 -17.28
N TYR B 445 -9.50 -6.44 -18.49
CA TYR B 445 -10.41 -6.03 -19.56
C TYR B 445 -10.57 -7.19 -20.52
N GLN B 446 -11.82 -7.45 -20.93
CA GLN B 446 -12.11 -8.46 -21.94
C GLN B 446 -12.84 -7.86 -23.14
N ALA B 447 -12.26 -8.00 -24.31
CA ALA B 447 -12.79 -7.37 -25.51
C ALA B 447 -14.15 -7.94 -25.90
N GLY B 448 -14.91 -7.15 -26.64
CA GLY B 448 -16.14 -7.61 -27.26
C GLY B 448 -15.87 -8.21 -28.62
N SER B 449 -16.94 -8.47 -29.36
CA SER B 449 -16.78 -9.15 -30.63
C SER B 449 -16.30 -8.22 -31.73
N HIS B 450 -16.91 -7.05 -31.85
CA HIS B 450 -16.69 -6.18 -33.01
C HIS B 450 -15.89 -4.97 -32.54
N ASP B 451 -14.76 -4.70 -33.20
CA ASP B 451 -13.91 -3.54 -32.89
C ASP B 451 -14.35 -2.38 -33.80
N PRO B 452 -14.88 -1.29 -33.23
CA PRO B 452 -15.43 -0.21 -34.08
C PRO B 452 -14.40 0.85 -34.50
N ARG B 453 -13.15 0.72 -34.06
CA ARG B 453 -12.20 1.82 -34.29
C ARG B 453 -12.00 2.10 -35.78
N ARG B 454 -11.80 1.06 -36.58
CA ARG B 454 -11.43 1.31 -37.98
C ARG B 454 -12.53 2.06 -38.71
N GLU B 455 -13.76 1.57 -38.59
CA GLU B 455 -14.88 2.14 -39.31
C GLU B 455 -15.21 3.54 -38.82
N TRP B 456 -14.84 3.89 -37.59
CA TRP B 456 -15.06 5.25 -37.12
C TRP B 456 -13.88 6.19 -37.42
N GLY B 457 -12.86 5.71 -38.12
CA GLY B 457 -11.71 6.58 -38.43
C GLY B 457 -10.75 6.77 -37.29
N MET B 458 -10.79 5.89 -36.29
CA MET B 458 -9.94 6.08 -35.12
C MET B 458 -8.55 5.50 -35.30
N LEU B 459 -8.27 4.88 -36.40
CA LEU B 459 -6.97 4.28 -36.69
C LEU B 459 -6.21 5.15 -37.68
N PRO B 460 -4.88 5.13 -37.65
CA PRO B 460 -4.13 5.76 -38.71
C PRO B 460 -4.41 5.07 -40.03
N PRO B 461 -4.30 5.79 -41.17
CA PRO B 461 -3.98 7.25 -41.27
C PRO B 461 -5.10 8.12 -40.74
N TYR B 462 -4.73 9.08 -39.89
CA TYR B 462 -5.69 9.88 -39.16
C TYR B 462 -6.31 10.93 -40.08
N GLY B 463 -7.64 10.89 -40.25
CA GLY B 463 -8.35 11.86 -41.03
C GLY B 463 -8.83 13.05 -40.21
N GLU B 464 -9.26 14.10 -40.93
CA GLU B 464 -9.70 15.32 -40.24
C GLU B 464 -11.03 15.15 -39.51
N GLN B 465 -11.91 14.28 -40.01
CA GLN B 465 -13.17 14.10 -39.30
C GLN B 465 -12.97 13.45 -37.94
N PHE B 466 -12.06 12.48 -37.84
CA PHE B 466 -11.73 11.93 -36.53
C PHE B 466 -11.16 13.00 -35.62
N GLU B 467 -10.26 13.83 -36.16
CA GLU B 467 -9.70 14.89 -35.35
C GLU B 467 -10.80 15.82 -34.86
N ALA B 468 -11.77 16.13 -35.72
CA ALA B 468 -12.85 17.02 -35.30
C ALA B 468 -13.66 16.39 -34.17
N MET B 469 -13.94 15.09 -34.26
CA MET B 469 -14.67 14.43 -33.18
C MET B 469 -13.90 14.47 -31.87
N LEU B 470 -12.57 14.29 -31.93
CA LEU B 470 -11.76 14.39 -30.73
C LEU B 470 -11.84 15.79 -30.13
N ARG B 471 -11.66 16.82 -30.97
CA ARG B 471 -11.76 18.18 -30.44
C ARG B 471 -13.11 18.45 -29.80
N ALA B 472 -14.18 17.88 -30.36
CA ALA B 472 -15.52 18.14 -29.84
C ALA B 472 -15.71 17.46 -28.48
N SER B 473 -14.85 16.53 -28.13
CA SER B 473 -14.93 15.85 -26.86
C SER B 473 -14.19 16.57 -25.75
N VAL B 474 -13.45 17.64 -26.08
CA VAL B 474 -12.73 18.42 -25.07
C VAL B 474 -13.70 19.42 -24.45
N THR B 475 -14.35 19.04 -23.37
CA THR B 475 -15.39 19.86 -22.77
C THR B 475 -15.23 19.85 -21.25
N ARG B 476 -15.83 20.84 -20.62
CA ARG B 476 -15.85 20.91 -19.17
C ARG B 476 -16.60 19.76 -18.51
#